data_9HVW
#
_entry.id   9HVW
#
loop_
_entity.id
_entity.type
_entity.pdbx_description
1 polymer 'Fusion glycoprotein F0'
2 polymer 'Fusion glycoprotein F1,Probable N-acetylmuramidase'
3 polymer '131-2a heavy chain'
4 polymer '131-2a light chain'
#
loop_
_entity_poly.entity_id
_entity_poly.type
_entity_poly.pdbx_seq_one_letter_code
_entity_poly.pdbx_strand_id
1 'polypeptide(L)' QNITEEFYQSTCSAVSKGYLSALRTGWYTSVITIELSNIKENKCNGTDAKVKLIKQELDKYKNAVTELQLLMQSTPAANS A,B,C
2 'polypeptide(L)'
;FLGFLLGVGSAIASGIAVSKVLHLEGEVNKIKSALLSTNKAVVSLSNGVSVLTSKVLDLKNYIDKQLLPIVNKQSCSISN
IETVIEFQQKNNRLLEITREFSVNAGVTTPVSTYMLTNSELLSLINDMPITNDQKKLMSNNVQIVRQQSYSIMSIIKEEV
LAYVVQLPLYGVIDTPCWKLHTSPLCTTNTKEGSNICLTRTDRGWYCDNAGSVSFFPQAETCKVQSNRVFCDTMNSLTLP
SEVNLCNIDIFNPKYDCKIMTSKTDVSSSVITSLGAIVSCYGKTKCTASNKNRGIIKTFSNGCDYVSNKGVDTVSVGNTL
YYVNKQEGKSLYVKGEPIINFYDPLVFPSDEFDASISQVNEKINQSLAFIRKSDELLHNLIKRMKQIEDKIEEIESKQKK
IENEIARIKKGNTNSGGSTTTITNNNSGTNSSSTTYTVKSGDTLWGISQRYGISVAQIQSANNLKSTIIYIGQKLVLTGS
ASSTNSGGSNNSASTTPTTSVTPAKPTSQTT
;
D,E,F
3 'polypeptide(L)'
;EVQLQQSGPELVKPGASVKISCKASGFTFTDFSIHWVKQSQGKSLDWVGYIYPYTGGNGYNLKFQSKATLTVDTSSTTAY
MELRSLTSEDSAVYYCARREGNFVGAMDYWGQGTSVTVSS
;
H
4 'polypeptide(L)'
;DIVLTQSPASLAVSLGQRATISCRASESVDNFGISFINWFQQKPGQPPKLLIYGASNQGSGVPARFSGSGSGTDFSLNIH
PMEEVDTAVYFCHQSKEVPYTFGGGTKLEIK
;
L
#
# COMPACT_ATOMS: atom_id res chain seq x y z
N ASN A 2 -31.42 8.59 -8.35
CA ASN A 2 -30.03 8.25 -8.62
C ASN A 2 -29.44 7.38 -7.52
N ILE A 3 -28.92 8.03 -6.48
CA ILE A 3 -28.26 7.31 -5.40
C ILE A 3 -29.30 6.65 -4.51
N THR A 4 -29.14 5.36 -4.28
CA THR A 4 -29.90 4.66 -3.27
C THR A 4 -28.91 4.05 -2.29
N GLU A 5 -29.41 3.62 -1.13
CA GLU A 5 -28.57 2.91 -0.18
C GLU A 5 -29.39 1.81 0.45
N GLU A 6 -28.93 0.57 0.30
CA GLU A 6 -29.64 -0.59 0.82
C GLU A 6 -28.92 -1.11 2.06
N PHE A 7 -29.69 -1.34 3.11
CA PHE A 7 -29.17 -1.89 4.36
C PHE A 7 -29.39 -3.38 4.40
N TYR A 8 -28.39 -4.11 4.88
CA TYR A 8 -28.46 -5.55 5.06
C TYR A 8 -28.22 -5.86 6.53
N GLN A 9 -29.26 -6.36 7.21
CA GLN A 9 -29.13 -6.78 8.59
C GLN A 9 -28.50 -8.16 8.70
N SER A 10 -28.40 -8.90 7.60
CA SER A 10 -27.81 -10.23 7.64
C SER A 10 -26.31 -10.17 7.88
N THR A 11 -25.63 -9.16 7.33
CA THR A 11 -24.21 -8.94 7.57
C THR A 11 -23.92 -7.60 8.23
N CYS A 12 -24.96 -6.85 8.62
CA CYS A 12 -24.84 -5.51 9.23
C CYS A 12 -24.03 -4.56 8.34
N SER A 13 -24.41 -4.47 7.07
CA SER A 13 -23.70 -3.65 6.11
C SER A 13 -24.66 -2.69 5.42
N ALA A 14 -24.10 -1.73 4.70
CA ALA A 14 -24.90 -0.77 3.95
C ALA A 14 -24.21 -0.52 2.62
N VAL A 15 -24.88 -0.82 1.52
CA VAL A 15 -24.33 -0.70 0.18
C VAL A 15 -24.93 0.54 -0.47
N SER A 16 -24.07 1.47 -0.90
CA SER A 16 -24.50 2.72 -1.51
C SER A 16 -24.48 2.56 -3.03
N LYS A 17 -25.64 2.31 -3.61
CA LYS A 17 -25.75 2.05 -5.05
C LYS A 17 -26.19 3.30 -5.80
N GLY A 18 -26.17 3.19 -7.12
CA GLY A 18 -26.55 4.28 -7.99
C GLY A 18 -25.40 5.05 -8.61
N TYR A 19 -24.21 4.47 -8.67
CA TYR A 19 -23.02 5.17 -9.12
C TYR A 19 -22.59 4.68 -10.49
N LEU A 20 -21.94 5.55 -11.25
CA LEU A 20 -21.40 5.22 -12.57
C LEU A 20 -19.90 5.46 -12.60
N SER A 21 -19.19 4.63 -13.36
CA SER A 21 -17.76 4.45 -13.22
C SER A 21 -16.96 5.35 -14.15
N ALA A 22 -15.72 5.62 -13.75
CA ALA A 22 -14.67 6.08 -14.67
C ALA A 22 -13.34 5.64 -14.08
N LEU A 23 -12.82 4.49 -14.53
CA LEU A 23 -11.62 3.91 -13.97
C LEU A 23 -10.40 4.34 -14.77
N ARG A 24 -9.47 5.03 -14.11
CA ARG A 24 -8.21 5.41 -14.74
C ARG A 24 -7.35 4.17 -15.00
N THR A 25 -6.78 4.11 -16.20
CA THR A 25 -5.97 2.96 -16.60
C THR A 25 -4.61 3.34 -17.17
N GLY A 26 -4.46 4.52 -17.76
CA GLY A 26 -3.20 4.96 -18.31
C GLY A 26 -3.03 6.44 -18.08
N TRP A 27 -1.92 6.97 -18.60
CA TRP A 27 -1.59 8.39 -18.47
C TRP A 27 -1.45 9.01 -19.85
N TYR A 28 -1.97 10.22 -20.00
CA TYR A 28 -1.85 10.99 -21.23
C TYR A 28 -1.00 12.21 -20.93
N THR A 29 0.20 12.25 -21.50
CA THR A 29 1.20 13.25 -21.16
C THR A 29 1.18 14.41 -22.14
N SER A 30 1.69 15.55 -21.68
CA SER A 30 1.76 16.77 -22.47
C SER A 30 2.92 17.62 -21.98
N VAL A 31 3.95 17.75 -22.81
CA VAL A 31 5.13 18.53 -22.45
C VAL A 31 4.78 20.00 -22.67
N ILE A 32 4.34 20.68 -21.62
CA ILE A 32 3.90 22.06 -21.71
C ILE A 32 5.08 22.97 -21.46
N THR A 33 5.43 23.79 -22.46
CA THR A 33 6.56 24.69 -22.38
C THR A 33 6.05 26.09 -22.09
N ILE A 34 6.30 26.58 -20.89
CA ILE A 34 5.88 27.92 -20.48
C ILE A 34 7.09 28.83 -20.64
N GLU A 35 7.05 29.71 -21.63
CA GLU A 35 8.15 30.62 -21.88
C GLU A 35 8.18 31.74 -20.85
N LEU A 36 9.26 32.50 -20.86
CA LEU A 36 9.43 33.66 -19.98
C LEU A 36 9.36 34.93 -20.81
N SER A 37 8.50 35.86 -20.39
CA SER A 37 8.47 37.20 -20.98
C SER A 37 9.42 38.10 -20.17
N ASN A 38 10.71 37.95 -20.47
CA ASN A 38 11.75 38.67 -19.74
C ASN A 38 11.70 40.16 -20.06
N ILE A 39 12.17 40.95 -19.09
CA ILE A 39 12.17 42.40 -19.21
C ILE A 39 13.63 42.87 -19.25
N LYS A 40 13.84 44.02 -19.88
CA LYS A 40 15.16 44.61 -19.99
C LYS A 40 15.65 45.13 -18.65
N ILE A 54 14.66 46.37 -9.65
CA ILE A 54 14.32 45.68 -10.89
C ILE A 54 15.29 44.52 -11.10
N LYS A 55 16.58 44.79 -10.89
CA LYS A 55 17.58 43.74 -10.99
C LYS A 55 17.43 42.70 -9.88
N GLN A 56 16.89 43.09 -8.74
CA GLN A 56 16.66 42.14 -7.66
C GLN A 56 15.55 41.15 -8.02
N GLU A 57 14.56 41.61 -8.80
CA GLU A 57 13.50 40.72 -9.27
C GLU A 57 14.06 39.66 -10.21
N LEU A 58 14.89 40.07 -11.18
CA LEU A 58 15.50 39.12 -12.10
C LEU A 58 16.46 38.18 -11.38
N ASP A 59 17.20 38.70 -10.39
CA ASP A 59 18.10 37.85 -9.61
C ASP A 59 17.32 36.84 -8.76
N LYS A 60 16.17 37.25 -8.20
CA LYS A 60 15.31 36.32 -7.48
C LYS A 60 14.81 35.21 -8.40
N TYR A 61 14.36 35.58 -9.60
CA TYR A 61 13.84 34.59 -10.53
C TYR A 61 14.95 33.65 -10.99
N LYS A 62 16.15 34.19 -11.22
CA LYS A 62 17.30 33.37 -11.62
C LYS A 62 17.71 32.42 -10.51
N ASN A 63 17.67 32.88 -9.26
CA ASN A 63 17.97 32.01 -8.12
C ASN A 63 16.94 30.90 -8.00
N ALA A 64 15.66 31.23 -8.20
CA ALA A 64 14.61 30.20 -8.18
C ALA A 64 14.81 29.19 -9.30
N VAL A 65 15.20 29.67 -10.49
CA VAL A 65 15.47 28.78 -11.63
C VAL A 65 16.65 27.87 -11.34
N THR A 66 17.72 28.42 -10.76
CA THR A 66 18.89 27.61 -10.42
C THR A 66 18.57 26.56 -9.36
N GLU A 67 17.80 26.96 -8.33
CA GLU A 67 17.41 26.00 -7.29
C GLU A 67 16.48 24.93 -7.84
N LEU A 68 15.67 25.26 -8.85
CA LEU A 68 14.87 24.24 -9.50
C LEU A 68 15.72 23.32 -10.38
N GLN A 69 16.76 23.87 -11.00
CA GLN A 69 17.64 23.06 -11.84
C GLN A 69 18.44 22.06 -11.03
N LEU A 70 18.91 22.46 -9.84
CA LEU A 70 19.77 21.59 -9.06
C LEU A 70 19.03 20.40 -8.44
N LEU A 71 17.69 20.38 -8.48
CA LEU A 71 16.97 19.19 -8.02
C LEU A 71 17.14 18.00 -8.95
N MET A 72 17.49 18.23 -10.21
CA MET A 72 17.74 17.13 -11.13
C MET A 72 19.21 17.06 -11.53
N ASN B 2 20.60 -1.26 -16.58
CA ASN B 2 20.24 -1.00 -15.20
C ASN B 2 19.07 -1.88 -14.77
N ILE B 3 17.85 -1.38 -14.95
CA ILE B 3 16.67 -2.10 -14.51
C ILE B 3 16.34 -3.22 -15.49
N THR B 4 16.24 -4.44 -14.97
CA THR B 4 15.77 -5.57 -15.73
C THR B 4 14.50 -6.09 -15.08
N GLU B 5 13.44 -6.21 -15.85
CA GLU B 5 12.16 -6.66 -15.33
C GLU B 5 11.91 -8.09 -15.79
N GLU B 6 11.97 -9.02 -14.84
CA GLU B 6 11.66 -10.41 -15.14
C GLU B 6 10.17 -10.65 -14.99
N PHE B 7 9.68 -11.70 -15.64
CA PHE B 7 8.29 -12.10 -15.53
C PHE B 7 8.23 -13.57 -15.20
N TYR B 8 7.42 -13.93 -14.21
CA TYR B 8 7.23 -15.31 -13.80
C TYR B 8 5.76 -15.65 -14.03
N GLN B 9 5.50 -16.51 -15.01
CA GLN B 9 4.16 -16.93 -15.34
C GLN B 9 3.62 -17.99 -14.39
N SER B 10 4.48 -18.54 -13.52
CA SER B 10 4.02 -19.52 -12.54
C SER B 10 3.14 -18.90 -11.47
N THR B 11 3.38 -17.63 -11.11
CA THR B 11 2.50 -16.89 -10.22
C THR B 11 1.91 -15.66 -10.90
N CYS B 12 2.21 -15.44 -12.18
CA CYS B 12 1.76 -14.28 -12.95
C CYS B 12 2.21 -12.97 -12.27
N SER B 13 3.52 -12.83 -12.06
CA SER B 13 4.06 -11.65 -11.40
C SER B 13 5.29 -11.16 -12.13
N ALA B 14 5.40 -9.85 -12.28
CA ALA B 14 6.61 -9.25 -12.83
C ALA B 14 7.40 -8.53 -11.75
N VAL B 15 8.70 -8.76 -11.75
CA VAL B 15 9.60 -8.25 -10.72
C VAL B 15 10.63 -7.35 -11.40
N SER B 16 10.72 -6.11 -10.93
CA SER B 16 11.62 -5.11 -11.53
C SER B 16 12.90 -5.06 -10.71
N LYS B 17 13.88 -5.89 -11.08
CA LYS B 17 15.15 -5.91 -10.40
C LYS B 17 16.10 -4.89 -11.00
N GLY B 18 17.19 -4.63 -10.30
CA GLY B 18 18.21 -3.71 -10.74
C GLY B 18 18.26 -2.37 -10.02
N TYR B 19 17.75 -2.28 -8.80
CA TYR B 19 17.75 -1.05 -8.04
C TYR B 19 18.74 -1.14 -6.88
N LEU B 20 19.09 0.01 -6.34
CA LEU B 20 20.01 0.10 -5.21
C LEU B 20 19.36 0.94 -4.12
N SER B 21 19.46 0.47 -2.88
CA SER B 21 18.63 0.97 -1.80
C SER B 21 19.19 2.25 -1.20
N ALA B 22 18.32 2.95 -0.48
CA ALA B 22 18.69 3.90 0.56
C ALA B 22 17.55 3.87 1.58
N LEU B 23 17.68 3.02 2.58
CA LEU B 23 16.62 2.79 3.55
C LEU B 23 16.78 3.75 4.72
N ARG B 24 15.84 4.69 4.85
CA ARG B 24 15.75 5.56 6.01
C ARG B 24 15.57 4.77 7.29
N THR B 25 16.34 5.13 8.31
CA THR B 25 16.24 4.51 9.63
C THR B 25 16.06 5.50 10.77
N GLY B 26 16.62 6.70 10.67
CA GLY B 26 16.49 7.70 11.70
C GLY B 26 16.28 9.08 11.10
N TRP B 27 16.35 10.08 11.96
CA TRP B 27 16.20 11.47 11.55
C TRP B 27 17.48 12.24 11.79
N TYR B 28 17.51 13.45 11.24
CA TYR B 28 18.63 14.38 11.41
C TYR B 28 18.03 15.79 11.51
N THR B 29 17.78 16.23 12.74
CA THR B 29 17.16 17.52 12.98
C THR B 29 18.16 18.65 12.71
N SER B 30 17.63 19.82 12.38
CA SER B 30 18.45 21.01 12.15
C SER B 30 17.60 22.24 12.43
N VAL B 31 18.03 23.06 13.38
CA VAL B 31 17.28 24.26 13.75
C VAL B 31 17.73 25.39 12.84
N ILE B 32 16.89 25.74 11.87
CA ILE B 32 17.19 26.82 10.93
C ILE B 32 16.49 28.07 11.43
N THR B 33 17.25 29.14 11.63
CA THR B 33 16.73 30.39 12.20
C THR B 33 17.01 31.54 11.24
N ILE B 34 16.02 31.92 10.44
CA ILE B 34 16.13 33.09 9.57
C ILE B 34 15.53 34.28 10.30
N GLU B 35 16.28 35.37 10.37
CA GLU B 35 15.84 36.58 11.02
C GLU B 35 15.11 37.49 10.02
N LEU B 36 14.17 38.27 10.53
CA LEU B 36 13.45 39.22 9.70
C LEU B 36 14.35 40.35 9.24
N SER B 37 14.33 40.62 7.95
CA SER B 37 14.94 41.85 7.42
C SER B 37 13.96 42.97 7.73
N ASN B 38 14.15 43.58 8.90
CA ASN B 38 13.17 44.52 9.44
C ASN B 38 13.18 45.83 8.65
N ILE B 39 12.04 46.52 8.73
CA ILE B 39 11.87 47.82 8.08
C ILE B 39 11.22 48.76 9.10
N LYS B 40 11.65 50.02 9.07
CA LYS B 40 11.16 51.03 10.00
C LYS B 40 9.69 51.34 9.77
N ILE B 54 3.13 50.82 3.60
CA ILE B 54 4.29 50.35 4.34
C ILE B 54 3.85 49.81 5.69
N LYS B 55 2.96 50.56 6.36
CA LYS B 55 2.40 50.13 7.62
C LYS B 55 1.51 48.91 7.44
N GLN B 56 0.77 48.85 6.32
CA GLN B 56 -0.14 47.74 6.08
C GLN B 56 0.61 46.44 5.83
N GLU B 57 1.76 46.52 5.14
CA GLU B 57 2.57 45.33 4.90
C GLU B 57 3.12 44.78 6.22
N LEU B 58 3.62 45.67 7.08
CA LEU B 58 4.11 45.26 8.39
C LEU B 58 2.99 44.69 9.25
N ASP B 59 1.80 45.28 9.18
CA ASP B 59 0.66 44.74 9.92
C ASP B 59 0.26 43.37 9.38
N LYS B 60 0.36 43.16 8.07
CA LYS B 60 0.09 41.85 7.48
C LYS B 60 1.08 40.80 7.97
N TYR B 61 2.37 41.16 8.01
CA TYR B 61 3.40 40.22 8.47
C TYR B 61 3.23 39.92 9.96
N LYS B 62 2.93 40.94 10.77
CA LYS B 62 2.72 40.71 12.19
C LYS B 62 1.45 39.92 12.46
N ASN B 63 0.41 40.11 11.63
CA ASN B 63 -0.79 39.29 11.75
C ASN B 63 -0.48 37.83 11.42
N ALA B 64 0.34 37.59 10.40
CA ALA B 64 0.75 36.22 10.08
C ALA B 64 1.57 35.62 11.21
N VAL B 65 2.47 36.41 11.81
CA VAL B 65 3.29 35.93 12.93
C VAL B 65 2.41 35.60 14.13
N THR B 66 1.43 36.45 14.42
CA THR B 66 0.51 36.21 15.53
C THR B 66 -0.33 34.96 15.29
N GLU B 67 -0.83 34.78 14.07
CA GLU B 67 -1.62 33.59 13.76
C GLU B 67 -0.80 32.31 13.82
N LEU B 68 0.47 32.37 13.44
CA LEU B 68 1.34 31.21 13.60
C LEU B 68 1.75 30.98 15.05
N GLN B 69 1.79 32.02 15.87
CA GLN B 69 2.10 31.84 17.28
C GLN B 69 0.96 31.19 18.05
N LEU B 70 -0.28 31.50 17.67
CA LEU B 70 -1.46 30.90 18.32
C LEU B 70 -1.69 29.46 17.88
N LEU B 71 -0.96 28.98 16.87
CA LEU B 71 -1.03 27.58 16.48
C LEU B 71 -0.33 26.67 17.48
N MET B 72 0.50 27.24 18.35
CA MET B 72 1.25 26.46 19.34
C MET B 72 0.79 26.77 20.76
N ASN C 2 3.00 11.13 33.29
CA ASN C 2 2.43 11.30 31.97
C ASN C 2 2.69 10.08 31.09
N ILE C 3 3.47 10.28 30.02
CA ILE C 3 3.71 9.21 29.06
C ILE C 3 4.70 8.21 29.63
N THR C 4 4.33 6.93 29.56
CA THR C 4 5.24 5.85 29.87
C THR C 4 5.21 4.88 28.70
N GLU C 5 6.21 4.01 28.62
CA GLU C 5 6.23 3.00 27.57
C GLU C 5 6.62 1.66 28.18
N GLU C 6 5.63 0.79 28.34
CA GLU C 6 5.90 -0.56 28.79
C GLU C 6 6.52 -1.36 27.65
N PHE C 7 7.34 -2.34 28.00
CA PHE C 7 7.94 -3.24 27.02
C PHE C 7 7.67 -4.67 27.45
N TYR C 8 7.11 -5.46 26.55
CA TYR C 8 6.80 -6.87 26.80
C TYR C 8 7.63 -7.68 25.83
N GLN C 9 8.63 -8.39 26.34
CA GLN C 9 9.45 -9.26 25.51
C GLN C 9 8.82 -10.63 25.33
N SER C 10 7.67 -10.90 25.95
CA SER C 10 6.91 -12.10 25.64
C SER C 10 6.31 -12.04 24.25
N THR C 11 6.12 -10.85 23.69
CA THR C 11 5.71 -10.67 22.31
C THR C 11 6.60 -9.70 21.54
N CYS C 12 7.67 -9.19 22.17
CA CYS C 12 8.58 -8.19 21.60
C CYS C 12 7.82 -6.96 21.12
N SER C 13 6.94 -6.45 21.98
CA SER C 13 6.11 -5.29 21.66
C SER C 13 6.22 -4.23 22.76
N ALA C 14 6.29 -2.97 22.35
CA ALA C 14 6.38 -1.85 23.27
C ALA C 14 5.12 -1.02 23.13
N VAL C 15 4.46 -0.74 24.26
CA VAL C 15 3.19 -0.03 24.29
C VAL C 15 3.41 1.31 24.96
N SER C 16 3.10 2.39 24.24
CA SER C 16 3.26 3.75 24.75
C SER C 16 1.95 4.19 25.39
N LYS C 17 1.86 4.02 26.71
CA LYS C 17 0.65 4.36 27.44
C LYS C 17 0.75 5.77 28.02
N GLY C 18 -0.41 6.31 28.39
CA GLY C 18 -0.47 7.60 29.04
C GLY C 18 -1.06 8.69 28.16
N TYR C 19 -1.99 8.32 27.29
CA TYR C 19 -2.56 9.23 26.32
C TYR C 19 -4.06 9.41 26.57
N LEU C 20 -4.57 10.57 26.18
CA LEU C 20 -5.98 10.90 26.30
C LEU C 20 -6.56 11.19 24.92
N SER C 21 -7.82 10.84 24.73
CA SER C 21 -8.41 10.65 23.42
C SER C 21 -9.20 11.87 22.94
N ALA C 22 -9.35 11.95 21.63
CA ALA C 22 -10.39 12.74 20.99
C ALA C 22 -10.68 12.10 19.65
N LEU C 23 -11.80 11.36 19.55
CA LEU C 23 -12.13 10.58 18.37
C LEU C 23 -13.17 11.34 17.56
N ARG C 24 -12.79 11.75 16.34
CA ARG C 24 -13.72 12.49 15.48
C ARG C 24 -14.78 11.55 14.93
N THR C 25 -16.05 11.86 15.20
CA THR C 25 -17.17 11.05 14.76
C THR C 25 -18.01 11.72 13.68
N GLY C 26 -18.18 13.03 13.74
CA GLY C 26 -18.95 13.73 12.72
C GLY C 26 -18.23 14.96 12.20
N TRP C 27 -18.92 15.78 11.42
CA TRP C 27 -18.33 16.99 10.85
C TRP C 27 -19.20 18.17 11.21
N TYR C 28 -18.56 19.29 11.54
CA TYR C 28 -19.24 20.54 11.85
C TYR C 28 -18.93 21.50 10.71
N THR C 29 -19.88 21.66 9.80
CA THR C 29 -19.70 22.51 8.64
C THR C 29 -20.06 23.95 8.97
N SER C 30 -19.46 24.89 8.24
CA SER C 30 -19.74 26.31 8.41
C SER C 30 -19.48 27.01 7.08
N VAL C 31 -20.41 27.86 6.67
CA VAL C 31 -20.29 28.57 5.39
C VAL C 31 -19.66 29.93 5.66
N ILE C 32 -18.45 30.14 5.17
CA ILE C 32 -17.77 31.44 5.26
C ILE C 32 -17.83 32.11 3.90
N THR C 33 -18.47 33.27 3.85
CA THR C 33 -18.66 34.02 2.62
C THR C 33 -17.79 35.27 2.71
N ILE C 34 -16.55 35.16 2.25
CA ILE C 34 -15.63 36.29 2.24
C ILE C 34 -15.86 37.11 0.98
N GLU C 35 -16.01 38.42 1.13
CA GLU C 35 -16.30 39.29 0.02
C GLU C 35 -15.00 39.82 -0.60
N LEU C 36 -15.16 40.70 -1.58
CA LEU C 36 -14.04 41.31 -2.28
C LEU C 36 -14.13 42.83 -2.20
N SER C 37 -13.02 43.46 -1.86
CA SER C 37 -12.89 44.91 -1.96
C SER C 37 -12.42 45.20 -3.39
N ASN C 38 -13.18 46.01 -4.09
CA ASN C 38 -12.94 46.26 -5.52
C ASN C 38 -12.37 47.66 -5.74
N ILE C 39 -11.59 47.79 -6.80
CA ILE C 39 -10.97 49.05 -7.19
C ILE C 39 -11.45 49.41 -8.59
N LYS C 40 -12.02 50.60 -8.74
CA LYS C 40 -12.48 51.09 -10.03
C LYS C 40 -11.31 51.42 -10.95
N ILE C 54 -3.60 48.88 -13.80
CA ILE C 54 -4.61 48.70 -12.77
C ILE C 54 -5.60 47.63 -13.21
N LYS C 55 -5.98 47.69 -14.49
CA LYS C 55 -6.92 46.72 -15.04
C LYS C 55 -6.29 45.35 -15.20
N GLN C 56 -4.96 45.26 -15.24
CA GLN C 56 -4.30 43.96 -15.34
C GLN C 56 -4.54 43.12 -14.10
N GLU C 57 -4.49 43.73 -12.91
CA GLU C 57 -4.78 43.01 -11.67
C GLU C 57 -6.23 42.56 -11.62
N LEU C 58 -7.16 43.41 -12.06
CA LEU C 58 -8.57 43.05 -12.07
C LEU C 58 -8.84 41.92 -13.04
N ASP C 59 -8.24 41.98 -14.24
CA ASP C 59 -8.40 40.88 -15.20
C ASP C 59 -7.74 39.60 -14.72
N LYS C 60 -6.64 39.72 -13.98
CA LYS C 60 -6.00 38.55 -13.37
C LYS C 60 -6.93 37.89 -12.35
N TYR C 61 -7.54 38.70 -11.48
CA TYR C 61 -8.47 38.14 -10.49
C TYR C 61 -9.70 37.56 -11.16
N LYS C 62 -10.21 38.20 -12.21
CA LYS C 62 -11.38 37.67 -12.90
C LYS C 62 -11.05 36.41 -13.67
N ASN C 63 -9.82 36.29 -14.19
CA ASN C 63 -9.38 35.05 -14.80
C ASN C 63 -9.31 33.92 -13.77
N ALA C 64 -8.79 34.23 -12.57
CA ALA C 64 -8.77 33.24 -11.50
C ALA C 64 -10.18 32.82 -11.10
N VAL C 65 -11.09 33.79 -11.02
CA VAL C 65 -12.49 33.50 -10.70
C VAL C 65 -13.14 32.65 -11.78
N THR C 66 -12.88 32.96 -13.06
CA THR C 66 -13.44 32.20 -14.16
C THR C 66 -12.92 30.75 -14.16
N GLU C 67 -11.62 30.57 -13.90
CA GLU C 67 -11.07 29.22 -13.81
C GLU C 67 -11.63 28.47 -12.61
N LEU C 68 -11.86 29.16 -11.49
CA LEU C 68 -12.47 28.52 -10.33
C LEU C 68 -13.93 28.14 -10.60
N GLN C 69 -14.64 28.96 -11.38
CA GLN C 69 -16.03 28.67 -11.71
C GLN C 69 -16.14 27.49 -12.66
N LEU C 70 -15.32 27.48 -13.71
CA LEU C 70 -15.29 26.35 -14.64
C LEU C 70 -14.70 25.11 -14.00
N LEU C 71 -13.98 25.27 -12.88
CA LEU C 71 -13.42 24.12 -12.17
C LEU C 71 -14.53 23.24 -11.61
N MET C 72 -15.65 23.83 -11.20
CA MET C 72 -16.77 23.08 -10.64
C MET C 72 -17.96 23.03 -11.58
N ILE D 81 9.62 50.54 -11.29
CA ILE D 81 8.77 49.93 -10.29
C ILE D 81 7.52 49.34 -10.95
N GLU D 82 7.04 50.01 -12.00
CA GLU D 82 5.90 49.52 -12.75
C GLU D 82 6.28 48.28 -13.56
N THR D 83 7.52 48.22 -14.04
CA THR D 83 7.99 47.06 -14.78
C THR D 83 8.06 45.82 -13.91
N VAL D 84 8.34 45.99 -12.61
CA VAL D 84 8.34 44.86 -11.69
C VAL D 84 6.93 44.29 -11.54
N ILE D 85 5.93 45.16 -11.40
CA ILE D 85 4.54 44.71 -11.30
C ILE D 85 4.09 44.09 -12.61
N GLU D 86 4.57 44.61 -13.74
CA GLU D 86 4.27 44.01 -15.04
C GLU D 86 4.88 42.62 -15.15
N PHE D 87 6.09 42.44 -14.62
CA PHE D 87 6.72 41.12 -14.58
C PHE D 87 5.91 40.17 -13.71
N GLN D 88 5.40 40.65 -12.58
CA GLN D 88 4.57 39.80 -11.72
C GLN D 88 3.27 39.42 -12.40
N GLN D 89 2.66 40.36 -13.13
CA GLN D 89 1.34 40.11 -13.70
C GLN D 89 1.41 39.27 -14.98
N LYS D 90 2.25 39.67 -15.94
CA LYS D 90 2.33 38.95 -17.21
C LYS D 90 2.91 37.56 -17.03
N ASN D 91 3.91 37.42 -16.17
CA ASN D 91 4.51 36.13 -15.89
C ASN D 91 3.93 35.48 -14.65
N ASN D 92 2.66 35.76 -14.31
CA ASN D 92 2.02 35.06 -13.20
C ASN D 92 1.93 33.57 -13.49
N ARG D 93 1.57 33.21 -14.73
CA ARG D 93 1.43 31.81 -15.12
C ARG D 93 2.72 31.03 -14.90
N LEU D 94 3.87 31.68 -15.03
CA LEU D 94 5.18 31.05 -14.81
C LEU D 94 5.63 31.11 -13.35
N LEU D 95 5.38 32.23 -12.67
CA LEU D 95 5.83 32.37 -11.29
C LEU D 95 5.06 31.43 -10.36
N GLU D 96 3.75 31.26 -10.59
CA GLU D 96 3.00 30.33 -9.75
C GLU D 96 3.48 28.90 -9.92
N ILE D 97 3.79 28.46 -11.15
CA ILE D 97 4.20 27.06 -11.31
C ILE D 97 5.60 26.87 -10.75
N THR D 98 6.45 27.90 -10.87
CA THR D 98 7.74 27.87 -10.20
C THR D 98 7.57 27.72 -8.69
N ARG D 99 6.58 28.41 -8.12
CA ARG D 99 6.32 28.33 -6.69
C ARG D 99 5.84 26.94 -6.28
N GLU D 100 4.89 26.37 -7.01
CA GLU D 100 4.41 25.04 -6.60
C GLU D 100 5.34 23.92 -7.05
N PHE D 101 6.35 24.22 -7.85
CA PHE D 101 7.39 23.23 -8.11
C PHE D 101 8.53 23.33 -7.11
N SER D 102 8.75 24.50 -6.53
CA SER D 102 9.69 24.60 -5.41
C SER D 102 9.08 24.00 -4.16
N VAL D 103 7.82 24.30 -3.89
CA VAL D 103 7.16 23.82 -2.66
C VAL D 103 6.99 22.31 -2.70
N ASN D 104 6.52 21.77 -3.82
CA ASN D 104 6.28 20.35 -3.94
C ASN D 104 7.50 19.58 -4.44
N ALA D 105 8.61 20.27 -4.68
CA ALA D 105 9.92 19.68 -5.02
C ALA D 105 9.87 18.86 -6.30
N GLY D 106 9.32 19.46 -7.35
CA GLY D 106 9.42 18.92 -8.69
C GLY D 106 8.27 18.07 -9.17
N VAL D 107 7.42 17.56 -8.28
CA VAL D 107 6.26 16.77 -8.66
C VAL D 107 5.05 17.31 -7.90
N THR D 108 4.01 17.70 -8.62
CA THR D 108 2.86 18.38 -8.03
C THR D 108 1.57 17.67 -8.38
N THR D 109 0.79 17.34 -7.35
CA THR D 109 -0.59 16.90 -7.52
C THR D 109 -1.41 17.62 -6.44
N PRO D 110 -2.62 18.09 -6.76
CA PRO D 110 -3.33 18.06 -8.05
C PRO D 110 -2.82 19.12 -9.03
N VAL D 111 -3.14 18.99 -10.30
CA VAL D 111 -2.74 19.99 -11.28
C VAL D 111 -3.60 21.23 -11.08
N SER D 112 -2.94 22.37 -10.86
CA SER D 112 -3.65 23.60 -10.59
C SER D 112 -4.20 24.20 -11.88
N THR D 113 -5.05 25.21 -11.73
CA THR D 113 -5.49 26.00 -12.87
C THR D 113 -4.37 26.85 -13.44
N TYR D 114 -3.34 27.16 -12.64
CA TYR D 114 -2.14 27.80 -13.17
C TYR D 114 -1.28 26.83 -13.95
N MET D 115 -1.41 25.53 -13.67
CA MET D 115 -0.61 24.52 -14.34
C MET D 115 -1.22 24.13 -15.68
N LEU D 116 -2.54 24.06 -15.75
CA LEU D 116 -3.23 23.65 -16.97
C LEU D 116 -4.61 24.29 -16.95
N THR D 117 -4.78 25.35 -17.74
CA THR D 117 -6.01 26.14 -17.73
C THR D 117 -7.16 25.35 -18.35
N ASN D 118 -8.37 25.91 -18.28
CA ASN D 118 -9.54 25.17 -18.73
C ASN D 118 -9.60 25.04 -20.25
N SER D 119 -9.20 26.08 -20.98
CA SER D 119 -9.18 25.99 -22.43
C SER D 119 -8.15 24.98 -22.91
N GLU D 120 -6.97 24.97 -22.28
CA GLU D 120 -5.92 24.04 -22.69
C GLU D 120 -6.25 22.62 -22.29
N LEU D 121 -6.92 22.43 -21.15
CA LEU D 121 -7.35 21.09 -20.77
C LEU D 121 -8.48 20.60 -21.66
N LEU D 122 -9.44 21.47 -21.98
CA LEU D 122 -10.55 21.05 -22.84
C LEU D 122 -10.12 20.84 -24.29
N SER D 123 -9.07 21.52 -24.74
CA SER D 123 -8.48 21.17 -26.02
C SER D 123 -7.63 19.91 -25.96
N LEU D 124 -7.27 19.49 -24.75
CA LEU D 124 -6.50 18.27 -24.55
C LEU D 124 -7.38 17.05 -24.28
N ILE D 125 -8.70 17.22 -24.22
CA ILE D 125 -9.61 16.09 -24.23
C ILE D 125 -10.15 15.82 -25.63
N ASN D 126 -10.17 16.81 -26.51
CA ASN D 126 -10.52 16.69 -27.93
C ASN D 126 -9.40 16.05 -28.76
N ASP D 127 -8.38 15.49 -28.11
CA ASP D 127 -7.20 14.96 -28.77
C ASP D 127 -6.93 13.51 -28.32
N MET D 128 -7.37 13.13 -27.12
CA MET D 128 -7.15 11.81 -26.56
C MET D 128 -7.82 10.74 -27.43
N PRO D 129 -7.32 9.49 -27.38
CA PRO D 129 -7.95 8.40 -28.12
C PRO D 129 -9.25 7.87 -27.51
N ILE D 130 -9.85 8.59 -26.57
CA ILE D 130 -11.06 8.14 -25.90
C ILE D 130 -12.27 8.31 -26.81
N THR D 131 -13.38 7.72 -26.39
CA THR D 131 -14.66 7.86 -27.08
C THR D 131 -15.18 9.29 -26.93
N ASN D 132 -16.14 9.66 -27.79
CA ASN D 132 -16.73 10.99 -27.72
C ASN D 132 -17.49 11.21 -26.41
N ASP D 133 -18.15 10.16 -25.91
CA ASP D 133 -18.85 10.27 -24.63
C ASP D 133 -17.88 10.42 -23.47
N GLN D 134 -16.67 9.84 -23.59
CA GLN D 134 -15.66 10.05 -22.56
C GLN D 134 -15.11 11.46 -22.61
N LYS D 135 -15.04 12.05 -23.81
CA LYS D 135 -14.74 13.47 -23.92
C LYS D 135 -15.83 14.31 -23.27
N LYS D 136 -17.09 13.90 -23.43
CA LYS D 136 -18.21 14.59 -22.81
C LYS D 136 -18.15 14.51 -21.29
N LEU D 137 -17.78 13.36 -20.73
CA LEU D 137 -17.77 13.20 -19.28
C LEU D 137 -16.62 13.96 -18.63
N MET D 138 -15.41 13.86 -19.19
CA MET D 138 -14.25 14.53 -18.61
C MET D 138 -14.32 16.05 -18.72
N SER D 139 -15.23 16.60 -19.54
CA SER D 139 -15.45 18.03 -19.55
C SER D 139 -16.35 18.50 -18.41
N ASN D 140 -17.23 17.63 -17.94
CA ASN D 140 -18.15 17.96 -16.85
C ASN D 140 -17.61 17.57 -15.48
N ASN D 141 -16.42 16.99 -15.42
CA ASN D 141 -15.82 16.57 -14.16
C ASN D 141 -14.35 16.97 -14.11
N VAL D 142 -14.04 18.21 -14.52
CA VAL D 142 -12.66 18.64 -14.58
C VAL D 142 -12.03 18.79 -13.21
N GLN D 143 -12.84 18.95 -12.15
CA GLN D 143 -12.28 19.06 -10.81
C GLN D 143 -11.63 17.76 -10.38
N ILE D 144 -12.27 16.63 -10.65
CA ILE D 144 -11.69 15.35 -10.28
C ILE D 144 -10.62 14.92 -11.27
N VAL D 145 -10.79 15.26 -12.56
CA VAL D 145 -9.75 15.02 -13.56
C VAL D 145 -8.46 15.75 -13.20
N ARG D 146 -8.56 16.98 -12.69
CA ARG D 146 -7.37 17.67 -12.20
C ARG D 146 -6.86 17.09 -10.89
N GLN D 147 -7.73 16.48 -10.08
CA GLN D 147 -7.31 15.89 -8.82
C GLN D 147 -6.73 14.49 -8.98
N GLN D 148 -6.68 13.96 -10.19
CA GLN D 148 -6.01 12.70 -10.46
C GLN D 148 -4.82 12.83 -11.38
N SER D 149 -4.54 14.03 -11.90
CA SER D 149 -3.50 14.24 -12.89
C SER D 149 -2.26 14.84 -12.23
N TYR D 150 -1.10 14.30 -12.57
CA TYR D 150 0.16 14.80 -12.03
C TYR D 150 0.77 15.83 -12.96
N SER D 151 1.87 16.43 -12.50
CA SER D 151 2.63 17.40 -13.31
C SER D 151 4.09 17.33 -12.85
N ILE D 152 4.92 16.66 -13.63
CA ILE D 152 6.30 16.40 -13.28
C ILE D 152 7.20 17.31 -14.11
N MET D 153 7.97 18.15 -13.43
CA MET D 153 8.89 19.05 -14.13
C MET D 153 10.02 18.26 -14.78
N SER D 154 10.34 18.59 -16.03
CA SER D 154 11.31 17.83 -16.80
C SER D 154 12.54 18.65 -17.17
N ILE D 155 12.36 19.81 -17.79
CA ILE D 155 13.47 20.64 -18.24
C ILE D 155 13.19 22.07 -17.76
N ILE D 156 13.99 22.55 -16.81
CA ILE D 156 13.87 23.91 -16.31
C ILE D 156 15.11 24.68 -16.75
N LYS D 157 14.89 25.84 -17.35
CA LYS D 157 15.95 26.73 -17.79
C LYS D 157 15.54 28.15 -17.47
N GLU D 158 16.36 29.11 -17.92
CA GLU D 158 16.09 30.51 -17.62
C GLU D 158 14.92 31.06 -18.44
N GLU D 159 14.67 30.48 -19.62
CA GLU D 159 13.63 30.98 -20.52
C GLU D 159 12.53 29.97 -20.80
N VAL D 160 12.69 28.71 -20.41
CA VAL D 160 11.73 27.67 -20.74
C VAL D 160 11.52 26.80 -19.51
N LEU D 161 10.26 26.56 -19.16
CA LEU D 161 9.91 25.61 -18.10
C LEU D 161 9.00 24.56 -18.71
N ALA D 162 9.49 23.33 -18.79
CA ALA D 162 8.74 22.22 -19.35
C ALA D 162 8.33 21.25 -18.26
N TYR D 163 7.07 20.85 -18.29
CA TYR D 163 6.58 19.87 -17.33
C TYR D 163 5.60 18.94 -18.01
N VAL D 164 5.80 17.64 -17.83
CA VAL D 164 4.90 16.63 -18.35
C VAL D 164 3.66 16.60 -17.46
N VAL D 165 2.50 16.86 -18.04
CA VAL D 165 1.24 16.82 -17.31
C VAL D 165 0.62 15.45 -17.57
N GLN D 166 0.56 14.62 -16.52
CA GLN D 166 0.07 13.26 -16.65
C GLN D 166 -1.42 13.27 -16.33
N LEU D 167 -2.23 13.45 -17.36
CA LEU D 167 -3.67 13.44 -17.27
C LEU D 167 -4.19 12.02 -17.14
N PRO D 168 -5.34 11.83 -16.49
CA PRO D 168 -5.93 10.48 -16.44
C PRO D 168 -6.50 10.06 -17.78
N LEU D 169 -6.44 8.76 -18.03
CA LEU D 169 -7.01 8.17 -19.23
C LEU D 169 -7.90 7.01 -18.81
N TYR D 170 -9.20 7.24 -18.83
CA TYR D 170 -10.15 6.27 -18.31
C TYR D 170 -10.41 5.19 -19.35
N GLY D 171 -10.26 3.93 -18.95
CA GLY D 171 -10.51 2.83 -19.84
C GLY D 171 -11.99 2.53 -20.00
N VAL D 172 -12.69 2.35 -18.89
CA VAL D 172 -14.11 2.05 -18.90
C VAL D 172 -14.86 3.25 -18.35
N ILE D 173 -16.15 3.33 -18.66
CA ILE D 173 -16.99 4.44 -18.25
C ILE D 173 -18.44 4.01 -18.33
N ASP D 174 -19.29 4.62 -17.49
CA ASP D 174 -20.73 4.40 -17.43
C ASP D 174 -21.06 2.93 -17.12
N THR D 175 -20.56 2.46 -15.97
CA THR D 175 -20.82 1.11 -15.46
C THR D 175 -21.15 1.23 -13.98
N PRO D 176 -21.97 0.32 -13.45
CA PRO D 176 -22.39 0.44 -12.05
C PRO D 176 -21.24 0.32 -11.05
N CYS D 177 -21.31 1.15 -10.01
CA CYS D 177 -20.43 1.07 -8.85
C CYS D 177 -21.24 1.10 -7.57
N TRP D 178 -20.61 0.68 -6.47
CA TRP D 178 -21.25 0.73 -5.17
C TRP D 178 -20.18 0.77 -4.08
N LYS D 179 -20.46 1.56 -3.05
CA LYS D 179 -19.62 1.65 -1.85
C LYS D 179 -20.14 0.68 -0.80
N LEU D 180 -19.23 0.18 0.03
CA LEU D 180 -19.58 -0.75 1.09
C LEU D 180 -19.13 -0.21 2.43
N HIS D 181 -20.06 -0.18 3.39
CA HIS D 181 -19.77 0.15 4.77
C HIS D 181 -20.17 -1.02 5.66
N THR D 182 -19.42 -1.22 6.73
CA THR D 182 -19.66 -2.37 7.61
C THR D 182 -19.58 -1.95 9.06
N SER D 183 -20.39 -2.59 9.88
CA SER D 183 -20.43 -2.39 11.32
C SER D 183 -20.41 -3.76 11.98
N PRO D 184 -20.00 -3.85 13.25
CA PRO D 184 -20.01 -5.15 13.94
C PRO D 184 -21.40 -5.76 14.04
N LEU D 185 -21.46 -7.07 13.90
CA LEU D 185 -22.70 -7.84 13.99
C LEU D 185 -22.50 -8.92 15.04
N CYS D 186 -23.09 -8.74 16.22
CA CYS D 186 -22.91 -9.66 17.32
C CYS D 186 -24.12 -10.57 17.44
N THR D 187 -23.86 -11.82 17.81
CA THR D 187 -24.91 -12.82 17.99
C THR D 187 -24.67 -13.54 19.31
N THR D 188 -25.75 -14.11 19.86
CA THR D 188 -25.66 -14.81 21.14
C THR D 188 -24.90 -16.12 20.99
N ASN D 195 -21.20 -16.71 21.56
CA ASN D 195 -21.25 -15.26 21.42
C ASN D 195 -20.00 -14.74 20.72
N ILE D 196 -20.12 -14.45 19.42
CA ILE D 196 -19.01 -13.97 18.62
C ILE D 196 -19.51 -12.86 17.71
N CYS D 197 -18.73 -11.78 17.61
CA CYS D 197 -19.06 -10.68 16.73
C CYS D 197 -18.21 -10.74 15.47
N LEU D 198 -18.82 -10.35 14.34
CA LEU D 198 -18.16 -10.38 13.05
C LEU D 198 -18.19 -8.98 12.44
N THR D 199 -17.15 -8.68 11.68
CA THR D 199 -17.06 -7.37 11.01
C THR D 199 -16.35 -7.60 9.67
N ARG D 200 -17.06 -7.38 8.57
CA ARG D 200 -16.46 -7.56 7.25
C ARG D 200 -15.47 -6.43 7.01
N THR D 201 -14.18 -6.73 7.15
CA THR D 201 -13.13 -5.72 7.05
C THR D 201 -12.62 -5.63 5.61
N ASP D 202 -13.56 -5.35 4.71
CA ASP D 202 -13.27 -5.06 3.32
C ASP D 202 -14.08 -3.88 2.80
N ARG D 203 -14.36 -2.92 3.69
CA ARG D 203 -15.07 -1.71 3.31
C ARG D 203 -14.24 -0.91 2.32
N GLY D 204 -14.89 -0.42 1.26
CA GLY D 204 -14.17 0.26 0.21
C GLY D 204 -15.06 0.45 -0.99
N TRP D 205 -14.45 0.76 -2.12
CA TRP D 205 -15.20 1.01 -3.34
C TRP D 205 -15.14 -0.20 -4.26
N TYR D 206 -16.24 -0.46 -4.95
CA TYR D 206 -16.33 -1.53 -5.92
C TYR D 206 -16.88 -0.97 -7.22
N CYS D 207 -16.29 -1.37 -8.35
CA CYS D 207 -16.77 -0.87 -9.64
C CYS D 207 -16.70 -1.98 -10.68
N ASP D 208 -17.72 -2.06 -11.53
CA ASP D 208 -17.72 -3.05 -12.60
C ASP D 208 -16.69 -2.67 -13.66
N ASN D 209 -15.65 -3.50 -13.83
CA ASN D 209 -14.50 -3.12 -14.65
C ASN D 209 -14.55 -3.74 -16.05
N ALA D 210 -14.56 -5.08 -16.13
CA ALA D 210 -14.56 -5.76 -17.42
C ALA D 210 -15.39 -7.03 -17.39
N GLY D 211 -16.46 -7.04 -16.61
CA GLY D 211 -17.19 -8.25 -16.30
C GLY D 211 -16.87 -8.79 -14.93
N SER D 212 -15.77 -8.33 -14.33
CA SER D 212 -15.44 -8.55 -12.93
C SER D 212 -15.55 -7.23 -12.20
N VAL D 213 -15.16 -7.24 -10.92
CA VAL D 213 -15.28 -6.08 -10.05
C VAL D 213 -13.89 -5.64 -9.62
N SER D 214 -13.57 -4.39 -9.90
CA SER D 214 -12.36 -3.77 -9.38
C SER D 214 -12.67 -3.22 -7.99
N PHE D 215 -11.91 -3.69 -6.99
CA PHE D 215 -12.07 -3.30 -5.60
C PHE D 215 -10.94 -2.34 -5.24
N PHE D 216 -11.30 -1.23 -4.63
CA PHE D 216 -10.35 -0.22 -4.20
C PHE D 216 -10.48 -0.05 -2.70
N PRO D 217 -9.53 -0.54 -1.90
CA PRO D 217 -9.64 -0.45 -0.44
C PRO D 217 -9.12 0.85 0.15
N GLN D 218 -8.38 1.66 -0.60
CA GLN D 218 -7.88 2.92 -0.10
C GLN D 218 -8.98 3.98 -0.11
N ALA D 219 -8.66 5.17 0.40
CA ALA D 219 -9.62 6.25 0.49
C ALA D 219 -9.34 7.40 -0.46
N GLU D 220 -8.10 7.53 -0.94
CA GLU D 220 -7.75 8.63 -1.83
C GLU D 220 -7.82 8.24 -3.31
N THR D 221 -7.86 6.95 -3.62
CA THR D 221 -7.87 6.50 -5.01
C THR D 221 -9.19 6.83 -5.70
N CYS D 222 -10.30 6.79 -4.99
CA CYS D 222 -11.64 6.96 -5.59
C CYS D 222 -12.20 8.30 -5.16
N LYS D 223 -12.50 9.14 -6.15
CA LYS D 223 -13.18 10.40 -5.90
C LYS D 223 -14.63 10.30 -6.36
N VAL D 224 -15.49 11.13 -5.77
CA VAL D 224 -16.93 11.01 -5.98
C VAL D 224 -17.49 12.37 -6.37
N GLN D 225 -18.07 12.45 -7.57
CA GLN D 225 -18.92 13.54 -7.97
C GLN D 225 -20.36 13.02 -7.91
N SER D 226 -21.33 13.86 -8.29
CA SER D 226 -22.76 13.75 -7.98
C SER D 226 -23.32 12.32 -7.99
N ASN D 227 -23.09 11.59 -9.07
CA ASN D 227 -23.31 10.14 -9.06
C ASN D 227 -22.17 9.40 -9.73
N ARG D 228 -21.00 10.04 -9.86
CA ARG D 228 -19.87 9.47 -10.59
C ARG D 228 -18.75 9.09 -9.63
N VAL D 229 -18.13 7.95 -9.87
CA VAL D 229 -17.02 7.44 -9.07
C VAL D 229 -15.81 7.31 -9.97
N PHE D 230 -14.79 8.13 -9.73
CA PHE D 230 -13.56 8.15 -10.51
C PHE D 230 -12.47 7.49 -9.68
N CYS D 231 -12.19 6.23 -9.97
CA CYS D 231 -11.12 5.54 -9.29
C CYS D 231 -9.89 5.44 -10.18
N ASP D 232 -8.86 4.77 -9.69
CA ASP D 232 -7.71 4.41 -10.51
C ASP D 232 -7.31 2.96 -10.23
N THR D 233 -6.74 2.30 -11.23
CA THR D 233 -6.48 0.87 -11.16
C THR D 233 -5.02 0.55 -10.89
N MET D 234 -4.24 1.52 -10.41
CA MET D 234 -2.83 1.25 -10.09
C MET D 234 -2.70 0.28 -8.93
N ASN D 235 -3.59 0.38 -7.94
CA ASN D 235 -3.59 -0.52 -6.81
C ASN D 235 -4.88 -1.32 -6.67
N SER D 236 -5.70 -1.38 -7.72
CA SER D 236 -6.99 -2.03 -7.63
C SER D 236 -6.83 -3.55 -7.56
N LEU D 237 -7.56 -4.16 -6.64
CA LEU D 237 -7.66 -5.61 -6.64
C LEU D 237 -8.80 -6.03 -7.57
N THR D 238 -8.75 -7.28 -8.03
CA THR D 238 -9.76 -7.78 -8.96
C THR D 238 -10.47 -8.96 -8.32
N LEU D 239 -11.76 -8.80 -8.03
CA LEU D 239 -12.61 -9.83 -7.46
C LEU D 239 -13.73 -10.16 -8.44
N PRO D 240 -14.32 -11.36 -8.38
CA PRO D 240 -15.39 -11.69 -9.32
C PRO D 240 -16.66 -10.91 -9.02
N SER D 241 -17.67 -11.14 -9.87
CA SER D 241 -18.99 -10.52 -9.72
C SER D 241 -19.83 -11.20 -8.66
N GLU D 242 -19.28 -12.17 -7.94
CA GLU D 242 -19.96 -12.87 -6.87
C GLU D 242 -19.77 -12.21 -5.51
N VAL D 243 -19.17 -11.02 -5.47
CA VAL D 243 -19.02 -10.29 -4.22
C VAL D 243 -20.36 -9.84 -3.66
N ASN D 244 -21.37 -9.69 -4.51
CA ASN D 244 -22.70 -9.29 -4.05
C ASN D 244 -23.34 -10.33 -3.14
N LEU D 245 -22.86 -11.57 -3.17
CA LEU D 245 -23.33 -12.59 -2.24
C LEU D 245 -22.82 -12.36 -0.82
N CYS D 246 -21.86 -11.45 -0.61
CA CYS D 246 -21.38 -11.10 0.73
C CYS D 246 -22.25 -10.07 1.41
N ASN D 247 -23.47 -9.84 0.92
CA ASN D 247 -24.40 -8.91 1.54
C ASN D 247 -25.64 -9.59 2.10
N ILE D 248 -26.01 -10.76 1.60
CA ILE D 248 -27.12 -11.52 2.18
C ILE D 248 -26.65 -12.68 3.04
N ASP D 249 -25.39 -13.09 2.95
CA ASP D 249 -24.85 -14.17 3.76
C ASP D 249 -23.40 -13.85 4.09
N ILE D 250 -23.02 -14.07 5.35
CA ILE D 250 -21.66 -13.79 5.78
C ILE D 250 -20.70 -14.81 5.17
N PHE D 251 -21.09 -16.07 5.12
CA PHE D 251 -20.30 -17.14 4.50
C PHE D 251 -21.11 -17.71 3.34
N ASN D 252 -21.00 -17.08 2.17
CA ASN D 252 -21.62 -17.71 1.02
C ASN D 252 -20.63 -18.68 0.37
N PRO D 253 -21.11 -19.78 -0.22
CA PRO D 253 -20.17 -20.79 -0.75
C PRO D 253 -19.56 -20.41 -2.09
N LYS D 254 -19.84 -19.22 -2.60
CA LYS D 254 -19.31 -18.80 -3.88
C LYS D 254 -18.23 -17.72 -3.77
N TYR D 255 -18.00 -17.16 -2.59
CA TYR D 255 -16.95 -16.17 -2.40
C TYR D 255 -16.54 -16.16 -0.93
N ASP D 256 -15.28 -15.86 -0.68
CA ASP D 256 -14.73 -15.79 0.67
C ASP D 256 -14.70 -14.33 1.09
N CYS D 257 -15.69 -13.91 1.87
CA CYS D 257 -15.73 -12.53 2.35
C CYS D 257 -14.64 -12.32 3.41
N LYS D 258 -13.99 -11.17 3.34
CA LYS D 258 -12.96 -10.82 4.32
C LYS D 258 -13.64 -10.50 5.65
N ILE D 259 -13.22 -11.18 6.72
CA ILE D 259 -13.92 -11.12 7.99
C ILE D 259 -12.94 -10.76 9.10
N MET D 260 -13.49 -10.29 10.22
CA MET D 260 -12.71 -10.01 11.42
C MET D 260 -13.54 -10.51 12.60
N THR D 261 -13.06 -11.55 13.28
CA THR D 261 -13.80 -12.17 14.35
C THR D 261 -13.45 -11.53 15.69
N SER D 262 -14.39 -11.63 16.62
CA SER D 262 -14.21 -11.15 17.99
C SER D 262 -14.99 -12.10 18.90
N LYS D 263 -14.56 -12.16 20.16
CA LYS D 263 -15.14 -13.11 21.09
C LYS D 263 -16.02 -12.47 22.16
N THR D 264 -15.94 -11.17 22.37
CA THR D 264 -16.81 -10.48 23.31
C THR D 264 -17.67 -9.47 22.55
N ASP D 265 -18.75 -9.04 23.19
CA ASP D 265 -19.70 -8.14 22.55
C ASP D 265 -19.06 -6.76 22.35
N VAL D 266 -19.35 -6.16 21.20
CA VAL D 266 -18.80 -4.86 20.84
C VAL D 266 -19.90 -4.06 20.16
N SER D 267 -20.06 -2.80 20.57
CA SER D 267 -21.10 -1.93 20.07
C SER D 267 -20.49 -0.64 19.55
N SER D 268 -21.01 -0.15 18.43
CA SER D 268 -20.44 1.02 17.77
C SER D 268 -21.45 1.57 16.77
N SER D 269 -20.99 2.52 15.96
CA SER D 269 -21.79 3.08 14.88
C SER D 269 -20.87 3.54 13.76
N VAL D 270 -21.34 3.38 12.53
CA VAL D 270 -20.58 3.71 11.33
C VAL D 270 -21.41 4.70 10.52
N ILE D 271 -20.82 5.85 10.20
CA ILE D 271 -21.51 6.88 9.43
C ILE D 271 -21.35 6.56 7.95
N THR D 272 -22.45 6.22 7.29
CA THR D 272 -22.44 5.88 5.87
C THR D 272 -22.73 7.12 5.04
N SER D 273 -22.99 6.93 3.75
CA SER D 273 -23.24 8.05 2.85
C SER D 273 -24.61 8.66 3.10
N LEU D 274 -25.64 7.82 3.22
CA LEU D 274 -27.02 8.26 3.38
C LEU D 274 -27.61 7.76 4.69
N GLY D 275 -26.84 7.86 5.77
CA GLY D 275 -27.33 7.42 7.06
C GLY D 275 -26.25 6.90 7.99
N ALA D 276 -26.59 5.88 8.78
CA ALA D 276 -25.66 5.31 9.75
C ALA D 276 -26.07 3.91 10.17
N ILE D 277 -25.12 3.02 10.32
CA ILE D 277 -25.37 1.71 10.90
C ILE D 277 -25.04 1.78 12.38
N VAL D 278 -25.97 1.33 13.22
CA VAL D 278 -25.82 1.42 14.67
C VAL D 278 -25.91 0.01 15.23
N SER D 279 -24.82 -0.48 15.81
CA SER D 279 -24.81 -1.78 16.46
C SER D 279 -24.78 -1.56 17.96
N CYS D 280 -25.80 -2.06 18.65
CA CYS D 280 -25.97 -1.82 20.09
C CYS D 280 -26.10 -3.18 20.77
N TYR D 281 -25.05 -3.62 21.44
CA TYR D 281 -25.03 -4.93 22.08
C TYR D 281 -24.56 -4.80 23.53
N GLY D 282 -24.85 -5.84 24.31
CA GLY D 282 -24.50 -5.82 25.72
C GLY D 282 -25.37 -4.85 26.50
N LYS D 283 -24.79 -4.30 27.56
CA LYS D 283 -25.48 -3.32 28.40
C LYS D 283 -25.36 -1.90 27.85
N THR D 284 -24.81 -1.74 26.66
CA THR D 284 -24.66 -0.42 26.06
C THR D 284 -26.02 0.16 25.69
N LYS D 285 -26.19 1.45 25.94
CA LYS D 285 -27.43 2.15 25.63
C LYS D 285 -27.18 3.07 24.43
N CYS D 286 -27.95 2.88 23.36
CA CYS D 286 -27.81 3.66 22.14
C CYS D 286 -29.15 4.29 21.79
N THR D 287 -29.13 5.62 21.60
CA THR D 287 -30.32 6.37 21.26
C THR D 287 -30.08 7.17 19.99
N ALA D 288 -31.04 7.10 19.07
CA ALA D 288 -31.03 7.95 17.88
C ALA D 288 -31.94 9.14 18.14
N SER D 289 -31.42 10.34 17.90
CA SER D 289 -32.10 11.58 18.23
C SER D 289 -32.00 12.57 17.08
N ASN D 290 -33.10 13.32 16.88
CA ASN D 290 -33.23 14.34 15.86
C ASN D 290 -33.21 15.67 16.60
N LYS D 291 -32.52 16.66 16.02
CA LYS D 291 -32.28 17.95 16.68
C LYS D 291 -33.57 18.69 17.03
N ASN D 292 -34.65 18.43 16.32
CA ASN D 292 -35.91 19.16 16.52
C ASN D 292 -36.92 18.41 17.37
N ARG D 293 -36.61 17.18 17.78
CA ARG D 293 -37.58 16.36 18.50
C ARG D 293 -36.96 15.59 19.66
N GLY D 294 -35.68 15.77 19.96
CA GLY D 294 -35.06 15.04 21.04
C GLY D 294 -34.80 13.59 20.65
N ILE D 295 -34.70 12.73 21.67
CA ILE D 295 -34.49 11.31 21.44
C ILE D 295 -35.76 10.72 20.84
N ILE D 296 -35.64 10.13 19.65
CA ILE D 296 -36.78 9.53 18.99
C ILE D 296 -36.76 8.01 19.03
N LYS D 297 -35.61 7.35 19.10
CA LYS D 297 -35.64 5.91 19.19
C LYS D 297 -34.48 5.41 20.05
N THR D 298 -34.67 4.23 20.63
CA THR D 298 -33.67 3.58 21.48
C THR D 298 -33.44 2.18 20.94
N PHE D 299 -32.20 1.89 20.54
CA PHE D 299 -31.89 0.59 19.95
C PHE D 299 -31.82 -0.48 21.04
N SER D 300 -32.36 -1.65 20.72
CA SER D 300 -32.19 -2.83 21.57
C SER D 300 -30.88 -3.52 21.21
N ASN D 301 -30.69 -4.74 21.69
CA ASN D 301 -29.51 -5.51 21.33
C ASN D 301 -29.63 -5.97 19.89
N GLY D 302 -28.99 -5.26 18.98
CA GLY D 302 -29.08 -5.60 17.57
C GLY D 302 -28.37 -4.57 16.71
N CYS D 303 -28.35 -4.88 15.41
CA CYS D 303 -27.79 -4.01 14.38
C CYS D 303 -28.94 -3.37 13.63
N ASP D 304 -29.00 -2.04 13.64
CA ASP D 304 -30.09 -1.31 13.01
C ASP D 304 -29.53 -0.28 12.04
N TYR D 305 -30.40 0.20 11.16
CA TYR D 305 -30.07 1.22 10.17
C TYR D 305 -30.82 2.50 10.47
N VAL D 306 -30.15 3.62 10.23
CA VAL D 306 -30.71 4.94 10.49
C VAL D 306 -30.56 5.78 9.24
N SER D 307 -31.67 6.38 8.79
CA SER D 307 -31.60 7.34 7.70
C SER D 307 -31.05 8.67 8.20
N ASN D 308 -30.53 9.48 7.27
CA ASN D 308 -29.99 10.78 7.62
C ASN D 308 -30.96 11.92 7.33
N LYS D 309 -32.21 11.60 7.00
CA LYS D 309 -33.22 12.61 6.73
C LYS D 309 -34.24 12.73 7.85
N GLY D 310 -34.07 12.00 8.95
CA GLY D 310 -34.95 12.11 10.09
C GLY D 310 -34.22 12.01 11.41
N VAL D 311 -32.91 11.83 11.36
CA VAL D 311 -32.07 11.69 12.54
C VAL D 311 -30.79 12.48 12.29
N ASP D 312 -30.37 13.26 13.30
CA ASP D 312 -29.11 13.97 13.19
C ASP D 312 -27.98 13.40 14.03
N THR D 313 -28.26 12.87 15.22
CA THR D 313 -27.19 12.28 16.04
C THR D 313 -27.59 10.90 16.53
N VAL D 314 -26.58 10.09 16.82
CA VAL D 314 -26.75 8.78 17.43
C VAL D 314 -25.75 8.67 18.58
N SER D 315 -26.24 8.44 19.79
CA SER D 315 -25.40 8.27 20.97
C SER D 315 -25.28 6.80 21.26
N VAL D 316 -24.07 6.27 21.20
CA VAL D 316 -23.78 4.89 21.57
C VAL D 316 -22.89 4.92 22.80
N GLY D 317 -23.35 4.31 23.89
CA GLY D 317 -22.64 4.38 25.15
C GLY D 317 -22.53 5.80 25.66
N ASN D 318 -21.34 6.37 25.57
CA ASN D 318 -21.12 7.76 25.87
C ASN D 318 -20.68 8.59 24.67
N THR D 319 -20.39 7.99 23.53
CA THR D 319 -19.87 8.72 22.38
C THR D 319 -21.00 9.03 21.40
N LEU D 320 -20.97 10.25 20.86
CA LEU D 320 -22.06 10.82 20.08
C LEU D 320 -21.62 10.96 18.63
N TYR D 321 -21.98 9.99 17.80
CA TYR D 321 -21.76 10.08 16.36
C TYR D 321 -22.80 11.01 15.73
N TYR D 322 -22.37 11.70 14.69
CA TYR D 322 -23.23 12.64 13.98
C TYR D 322 -23.55 12.02 12.62
N VAL D 323 -24.81 11.60 12.45
CA VAL D 323 -25.24 10.95 11.20
C VAL D 323 -25.21 11.96 10.06
N ASN D 324 -25.79 13.13 10.27
CA ASN D 324 -25.73 14.22 9.32
C ASN D 324 -24.68 15.22 9.76
N LYS D 325 -24.22 16.03 8.80
CA LYS D 325 -23.23 17.05 9.08
C LYS D 325 -23.92 18.23 9.77
N GLN D 326 -23.40 18.62 10.93
CA GLN D 326 -23.99 19.70 11.72
C GLN D 326 -23.79 21.03 11.02
N GLU D 327 -24.88 21.69 10.67
CA GLU D 327 -24.80 23.04 10.13
C GLU D 327 -24.46 24.01 11.25
N GLY D 328 -23.45 24.85 11.02
CA GLY D 328 -22.98 25.75 12.06
C GLY D 328 -23.32 27.19 11.81
N LYS D 329 -22.34 28.08 11.98
CA LYS D 329 -22.55 29.50 11.83
C LYS D 329 -22.36 29.91 10.36
N SER D 330 -22.44 31.21 10.11
CA SER D 330 -22.05 31.80 8.84
C SER D 330 -21.16 32.99 9.14
N LEU D 331 -20.02 33.07 8.45
CA LEU D 331 -19.01 34.09 8.73
C LEU D 331 -18.87 34.99 7.50
N TYR D 332 -18.01 36.00 7.64
CA TYR D 332 -17.75 36.93 6.55
C TYR D 332 -16.28 37.35 6.51
N ILE E 81 6.33 52.80 -1.08
CA ILE E 81 5.99 52.08 -2.30
C ILE E 81 7.19 51.27 -2.78
N GLU E 82 8.37 51.90 -2.72
CA GLU E 82 9.60 51.17 -3.00
C GLU E 82 10.05 50.30 -1.83
N THR E 83 9.75 50.72 -0.60
CA THR E 83 10.22 49.99 0.57
C THR E 83 9.41 48.72 0.83
N VAL E 84 8.12 48.71 0.46
CA VAL E 84 7.33 47.49 0.63
C VAL E 84 7.78 46.43 -0.36
N ILE E 85 8.08 46.81 -1.60
CA ILE E 85 8.61 45.84 -2.56
C ILE E 85 10.05 45.47 -2.23
N GLU E 86 10.80 46.35 -1.57
CA GLU E 86 12.11 45.96 -1.06
C GLU E 86 11.98 44.94 0.06
N PHE E 87 10.97 45.10 0.91
CA PHE E 87 10.66 44.12 1.94
C PHE E 87 10.28 42.78 1.32
N GLN E 88 9.53 42.83 0.22
CA GLN E 88 9.23 41.60 -0.51
C GLN E 88 10.48 40.96 -1.10
N GLN E 89 11.37 41.76 -1.69
CA GLN E 89 12.52 41.24 -2.41
C GLN E 89 13.65 40.76 -1.50
N LYS E 90 13.85 41.38 -0.35
CA LYS E 90 14.86 40.88 0.58
C LYS E 90 14.37 39.64 1.32
N ASN E 91 13.08 39.62 1.66
CA ASN E 91 12.47 38.54 2.43
C ASN E 91 11.68 37.58 1.57
N ASN E 92 12.18 37.21 0.37
CA ASN E 92 11.54 36.15 -0.40
C ASN E 92 11.54 34.87 0.41
N ARG E 93 12.66 34.57 1.04
CA ARG E 93 12.80 33.33 1.77
C ARG E 93 11.93 33.29 3.02
N LEU E 94 11.53 34.44 3.56
CA LEU E 94 10.82 34.46 4.84
C LEU E 94 9.31 34.49 4.66
N LEU E 95 8.80 35.17 3.62
CA LEU E 95 7.36 35.20 3.43
C LEU E 95 6.85 33.88 2.88
N GLU E 96 7.66 33.22 2.04
CA GLU E 96 7.23 31.93 1.49
C GLU E 96 7.20 30.85 2.57
N ILE E 97 8.10 30.91 3.57
CA ILE E 97 8.06 29.84 4.57
C ILE E 97 6.90 30.07 5.53
N THR E 98 6.56 31.33 5.83
CA THR E 98 5.37 31.59 6.66
C THR E 98 4.10 31.19 5.92
N ARG E 99 4.03 31.46 4.61
CA ARG E 99 2.89 31.00 3.82
C ARG E 99 2.81 29.47 3.79
N GLU E 100 3.95 28.81 3.58
CA GLU E 100 4.00 27.37 3.46
C GLU E 100 3.77 26.68 4.79
N PHE E 101 4.01 27.39 5.90
CA PHE E 101 3.64 26.90 7.22
C PHE E 101 2.18 27.19 7.57
N SER E 102 1.60 28.27 7.03
CA SER E 102 0.17 28.51 7.22
C SER E 102 -0.67 27.47 6.49
N VAL E 103 -0.33 27.20 5.23
CA VAL E 103 -1.12 26.30 4.40
C VAL E 103 -1.11 24.88 4.96
N ASN E 104 0.07 24.41 5.36
CA ASN E 104 0.20 23.06 5.92
C ASN E 104 -0.04 23.01 7.42
N ALA E 105 -0.25 24.16 8.07
CA ALA E 105 -0.59 24.28 9.48
C ALA E 105 0.49 23.66 10.39
N GLY E 106 1.71 24.17 10.27
CA GLY E 106 2.79 23.88 11.19
C GLY E 106 3.76 22.82 10.72
N VAL E 107 3.27 21.73 10.13
CA VAL E 107 4.11 20.61 9.72
C VAL E 107 4.04 20.53 8.20
N THR E 108 5.19 20.61 7.54
CA THR E 108 5.24 20.73 6.09
C THR E 108 6.07 19.62 5.48
N THR E 109 5.49 18.92 4.50
CA THR E 109 6.21 17.98 3.66
C THR E 109 5.63 18.10 2.25
N PRO E 110 6.47 18.01 1.20
CA PRO E 110 7.94 17.90 1.19
C PRO E 110 8.62 19.22 1.50
N VAL E 111 9.89 19.19 1.92
CA VAL E 111 10.59 20.43 2.20
C VAL E 111 10.88 21.13 0.87
N SER E 112 10.89 22.46 0.90
CA SER E 112 11.00 23.22 -0.33
C SER E 112 12.42 23.73 -0.51
N THR E 113 12.66 24.41 -1.64
CA THR E 113 13.92 25.09 -1.87
C THR E 113 13.96 26.45 -1.19
N TYR E 114 12.85 26.90 -0.63
CA TYR E 114 12.80 28.10 0.21
C TYR E 114 13.11 27.76 1.66
N MET E 115 12.70 26.57 2.09
CA MET E 115 12.95 26.15 3.46
C MET E 115 14.41 25.76 3.64
N LEU E 116 15.07 25.35 2.56
CA LEU E 116 16.45 24.86 2.61
C LEU E 116 16.99 24.93 1.19
N THR E 117 18.07 25.68 0.99
CA THR E 117 18.66 25.81 -0.34
C THR E 117 19.50 24.57 -0.63
N ASN E 118 20.03 24.48 -1.85
CA ASN E 118 20.85 23.34 -2.23
C ASN E 118 22.22 23.37 -1.57
N SER E 119 22.79 24.56 -1.40
CA SER E 119 24.09 24.68 -0.73
C SER E 119 23.99 24.28 0.73
N GLU E 120 22.92 24.71 1.42
CA GLU E 120 22.74 24.35 2.82
C GLU E 120 22.45 22.87 2.98
N LEU E 121 21.67 22.30 2.06
CA LEU E 121 21.42 20.86 2.09
C LEU E 121 22.70 20.07 1.86
N LEU E 122 23.57 20.54 0.95
CA LEU E 122 24.83 19.85 0.72
C LEU E 122 25.76 19.95 1.92
N SER E 123 25.83 21.13 2.54
CA SER E 123 26.69 21.30 3.70
C SER E 123 26.17 20.50 4.90
N LEU E 124 24.86 20.30 4.96
CA LEU E 124 24.31 19.44 5.99
C LEU E 124 24.50 17.96 5.66
N ILE E 125 24.51 17.59 4.38
CA ILE E 125 24.82 16.23 3.98
C ILE E 125 26.26 15.88 4.33
N ASN E 126 27.18 16.85 4.21
CA ASN E 126 28.57 16.61 4.61
C ASN E 126 28.73 16.46 6.12
N ASP E 127 27.70 16.81 6.90
CA ASP E 127 27.81 16.86 8.36
C ASP E 127 27.29 15.59 9.02
N MET E 128 26.35 14.87 8.40
CA MET E 128 25.71 13.72 9.03
C MET E 128 26.72 12.62 9.35
N PRO E 129 26.49 11.85 10.42
CA PRO E 129 27.38 10.72 10.77
C PRO E 129 27.17 9.50 9.90
N ILE E 130 27.49 9.62 8.62
CA ILE E 130 27.34 8.57 7.63
C ILE E 130 28.63 8.47 6.85
N THR E 131 28.76 7.37 6.10
CA THR E 131 29.96 7.14 5.31
C THR E 131 29.94 8.01 4.07
N ASN E 132 31.02 7.95 3.28
CA ASN E 132 31.22 8.91 2.19
C ASN E 132 30.31 8.65 1.00
N ASP E 133 30.08 7.38 0.65
CA ASP E 133 29.22 7.08 -0.48
C ASP E 133 27.76 7.43 -0.16
N GLN E 134 27.37 7.40 1.11
CA GLN E 134 26.05 7.89 1.50
C GLN E 134 25.93 9.39 1.27
N LYS E 135 26.98 10.14 1.59
CA LYS E 135 26.96 11.58 1.34
C LYS E 135 26.89 11.89 -0.15
N LYS E 136 27.66 11.14 -0.95
CA LYS E 136 27.57 11.30 -2.41
C LYS E 136 26.18 10.94 -2.92
N LEU E 137 25.57 9.92 -2.33
CA LEU E 137 24.25 9.46 -2.76
C LEU E 137 23.18 10.50 -2.48
N MET E 138 23.19 11.08 -1.27
CA MET E 138 22.24 12.16 -0.99
C MET E 138 22.59 13.45 -1.72
N SER E 139 23.84 13.61 -2.16
CA SER E 139 24.16 14.75 -3.02
C SER E 139 23.63 14.55 -4.44
N ASN E 140 23.54 13.32 -4.91
CA ASN E 140 23.02 13.06 -6.25
C ASN E 140 21.49 13.06 -6.31
N ASN E 141 20.82 12.98 -5.17
CA ASN E 141 19.37 12.81 -5.09
C ASN E 141 18.76 13.87 -4.19
N VAL E 142 19.08 15.13 -4.44
CA VAL E 142 18.65 16.24 -3.59
C VAL E 142 17.19 16.62 -3.85
N GLN E 143 16.50 15.88 -4.71
CA GLN E 143 15.06 16.05 -4.88
C GLN E 143 14.26 15.03 -4.09
N ILE E 144 14.64 13.75 -4.15
CA ILE E 144 13.97 12.71 -3.38
C ILE E 144 14.23 12.88 -1.89
N VAL E 145 15.43 13.31 -1.51
CA VAL E 145 15.75 13.64 -0.13
C VAL E 145 14.82 14.75 0.39
N ARG E 146 14.52 15.74 -0.44
CA ARG E 146 13.56 16.77 -0.06
C ARG E 146 12.14 16.22 0.04
N GLN E 147 11.83 15.18 -0.72
CA GLN E 147 10.50 14.59 -0.71
C GLN E 147 10.31 13.58 0.43
N GLN E 148 11.35 13.33 1.21
CA GLN E 148 11.23 12.46 2.37
C GLN E 148 11.47 13.17 3.70
N SER E 149 11.70 14.48 3.70
CA SER E 149 12.06 15.21 4.91
C SER E 149 10.92 16.15 5.28
N TYR E 150 10.52 16.12 6.54
CA TYR E 150 9.56 17.08 7.07
C TYR E 150 10.27 18.34 7.53
N SER E 151 9.49 19.30 8.02
CA SER E 151 10.03 20.51 8.63
C SER E 151 8.96 21.06 9.56
N ILE E 152 9.20 20.95 10.87
CA ILE E 152 8.23 21.29 11.89
C ILE E 152 8.62 22.64 12.50
N MET E 153 7.70 23.59 12.48
CA MET E 153 7.95 24.89 13.08
C MET E 153 8.05 24.78 14.59
N SER E 154 9.03 25.47 15.19
CA SER E 154 9.25 25.37 16.62
C SER E 154 9.01 26.66 17.36
N ILE E 155 9.70 27.74 16.99
CA ILE E 155 9.60 29.02 17.69
C ILE E 155 9.50 30.13 16.65
N ILE E 156 8.41 30.89 16.69
CA ILE E 156 8.25 32.05 15.81
C ILE E 156 7.99 33.28 16.68
N LYS E 157 8.76 34.33 16.44
CA LYS E 157 8.63 35.62 17.10
C LYS E 157 8.43 36.68 16.03
N GLU E 158 8.44 37.95 16.46
CA GLU E 158 8.26 39.06 15.54
C GLU E 158 9.44 39.25 14.60
N GLU E 159 10.62 38.74 14.96
CA GLU E 159 11.81 38.93 14.15
C GLU E 159 12.65 37.67 13.97
N VAL E 160 12.22 36.52 14.49
CA VAL E 160 12.93 35.26 14.35
C VAL E 160 11.91 34.20 13.96
N LEU E 161 12.28 33.32 13.04
CA LEU E 161 11.46 32.16 12.74
C LEU E 161 12.35 30.93 12.71
N ALA E 162 11.93 29.89 13.42
CA ALA E 162 12.75 28.71 13.64
C ALA E 162 11.95 27.45 13.37
N TYR E 163 12.57 26.48 12.70
CA TYR E 163 11.92 25.21 12.44
C TYR E 163 12.95 24.12 12.36
N VAL E 164 12.62 22.95 12.89
CA VAL E 164 13.46 21.78 12.77
C VAL E 164 13.21 21.15 11.41
N VAL E 165 14.26 21.01 10.61
CA VAL E 165 14.19 20.31 9.34
C VAL E 165 14.67 18.89 9.59
N GLN E 166 13.78 17.92 9.42
CA GLN E 166 14.08 16.52 9.74
C GLN E 166 14.60 15.84 8.48
N LEU E 167 15.89 16.06 8.20
CA LEU E 167 16.52 15.43 7.06
C LEU E 167 16.63 13.93 7.27
N PRO E 168 16.47 13.14 6.20
CA PRO E 168 16.57 11.69 6.34
C PRO E 168 17.99 11.22 6.62
N LEU E 169 18.09 10.13 7.38
CA LEU E 169 19.35 9.44 7.61
C LEU E 169 19.17 7.98 7.20
N TYR E 170 19.89 7.57 6.17
CA TYR E 170 19.77 6.22 5.64
C TYR E 170 20.74 5.30 6.36
N GLY E 171 20.20 4.22 6.94
CA GLY E 171 21.06 3.27 7.63
C GLY E 171 21.88 2.43 6.67
N VAL E 172 21.20 1.73 5.77
CA VAL E 172 21.87 0.89 4.78
C VAL E 172 21.71 1.55 3.42
N ILE E 173 22.67 1.27 2.53
CA ILE E 173 22.73 1.88 1.20
C ILE E 173 23.45 0.90 0.28
N ASP E 174 23.01 0.89 -0.99
CA ASP E 174 23.61 0.09 -2.07
C ASP E 174 23.43 -1.41 -1.83
N THR E 175 22.18 -1.80 -1.59
CA THR E 175 21.74 -3.19 -1.54
C THR E 175 20.52 -3.35 -2.46
N PRO E 176 20.35 -4.50 -3.11
CA PRO E 176 19.37 -4.58 -4.21
C PRO E 176 17.93 -4.51 -3.73
N CYS E 177 17.15 -3.67 -4.42
CA CYS E 177 15.71 -3.60 -4.26
C CYS E 177 15.01 -4.13 -5.50
N TRP E 178 13.73 -4.44 -5.33
CA TRP E 178 12.88 -4.86 -6.44
C TRP E 178 11.43 -4.58 -6.11
N LYS E 179 10.66 -4.19 -7.12
CA LYS E 179 9.23 -3.93 -6.98
C LYS E 179 8.46 -5.11 -7.54
N LEU E 180 7.57 -5.66 -6.74
CA LEU E 180 6.77 -6.81 -7.14
C LEU E 180 5.39 -6.34 -7.55
N HIS E 181 5.07 -6.52 -8.83
CA HIS E 181 3.74 -6.36 -9.38
C HIS E 181 3.14 -7.75 -9.58
N THR E 182 1.87 -7.91 -9.25
CA THR E 182 1.18 -9.18 -9.45
C THR E 182 -0.07 -8.95 -10.30
N SER E 183 -0.77 -10.05 -10.56
CA SER E 183 -1.96 -10.06 -11.41
C SER E 183 -2.73 -11.32 -11.10
N PRO E 184 -4.05 -11.34 -11.35
CA PRO E 184 -4.80 -12.59 -11.19
C PRO E 184 -4.29 -13.68 -12.13
N LEU E 185 -4.24 -14.90 -11.62
CA LEU E 185 -3.76 -16.06 -12.38
C LEU E 185 -4.76 -17.19 -12.20
N CYS E 186 -5.57 -17.43 -13.22
CA CYS E 186 -6.54 -18.52 -13.17
C CYS E 186 -5.90 -19.80 -13.67
N THR E 187 -6.11 -20.90 -12.94
CA THR E 187 -5.61 -22.21 -13.35
C THR E 187 -6.60 -22.82 -14.35
N THR E 188 -6.53 -22.31 -15.57
CA THR E 188 -7.51 -22.65 -16.59
C THR E 188 -7.31 -24.06 -17.11
N ASN E 189 -8.38 -24.85 -17.08
CA ASN E 189 -8.39 -26.18 -17.69
C ASN E 189 -9.83 -26.56 -17.98
N THR E 190 -10.07 -27.14 -19.15
CA THR E 190 -11.41 -27.57 -19.55
C THR E 190 -11.67 -29.03 -19.22
N LYS E 191 -10.72 -29.71 -18.57
CA LYS E 191 -10.89 -31.12 -18.23
C LYS E 191 -12.03 -31.32 -17.24
N GLU E 192 -12.12 -30.45 -16.24
CA GLU E 192 -13.19 -30.51 -15.25
C GLU E 192 -14.04 -29.25 -15.22
N GLY E 193 -13.41 -28.08 -15.20
CA GLY E 193 -14.13 -26.84 -15.00
C GLY E 193 -13.92 -26.33 -13.58
N SER E 194 -12.78 -26.68 -13.01
CA SER E 194 -12.43 -26.32 -11.63
C SER E 194 -11.30 -25.30 -11.69
N ASN E 195 -11.64 -24.03 -11.50
CA ASN E 195 -10.69 -22.93 -11.52
C ASN E 195 -10.79 -22.17 -10.22
N ILE E 196 -9.65 -21.68 -9.72
CA ILE E 196 -9.62 -21.01 -8.43
C ILE E 196 -9.00 -19.62 -8.48
N CYS E 197 -8.16 -19.31 -9.46
CA CYS E 197 -7.78 -17.95 -9.89
C CYS E 197 -7.25 -17.08 -8.74
N LEU E 198 -6.04 -17.41 -8.32
CA LEU E 198 -5.34 -16.71 -7.25
C LEU E 198 -5.08 -15.26 -7.62
N THR E 199 -4.69 -14.48 -6.61
CA THR E 199 -4.10 -13.16 -6.76
C THR E 199 -3.21 -12.97 -5.54
N ARG E 200 -2.06 -12.32 -5.72
CA ARG E 200 -1.14 -12.08 -4.61
C ARG E 200 -1.31 -10.64 -4.13
N THR E 201 -1.57 -10.49 -2.83
CA THR E 201 -1.86 -9.19 -2.25
C THR E 201 -0.61 -8.50 -1.72
N ASP E 202 0.56 -9.12 -1.82
CA ASP E 202 1.80 -8.58 -1.28
C ASP E 202 2.62 -7.78 -2.30
N ARG E 203 1.95 -7.17 -3.29
CA ARG E 203 2.64 -6.29 -4.23
C ARG E 203 3.24 -5.09 -3.51
N GLY E 204 4.37 -4.62 -4.00
CA GLY E 204 5.01 -3.49 -3.36
C GLY E 204 6.52 -3.63 -3.42
N TRP E 205 7.21 -2.85 -2.60
CA TRP E 205 8.66 -2.77 -2.71
C TRP E 205 9.34 -3.70 -1.73
N TYR E 206 10.48 -4.24 -2.13
CA TYR E 206 11.30 -5.07 -1.27
C TYR E 206 12.74 -4.60 -1.40
N CYS E 207 13.48 -4.59 -0.28
CA CYS E 207 14.88 -4.21 -0.31
C CYS E 207 15.65 -5.12 0.66
N ASP E 208 16.95 -5.20 0.45
CA ASP E 208 17.83 -5.96 1.35
C ASP E 208 18.36 -5.00 2.41
N ASN E 209 18.19 -5.36 3.68
CA ASN E 209 18.54 -4.45 4.77
C ASN E 209 19.70 -4.97 5.62
N ALA E 210 19.55 -6.12 6.25
CA ALA E 210 20.57 -6.65 7.16
C ALA E 210 20.70 -8.15 7.01
N GLY E 211 20.71 -8.64 5.77
CA GLY E 211 20.57 -10.05 5.51
C GLY E 211 19.14 -10.54 5.50
N SER E 212 18.18 -9.65 5.76
CA SER E 212 16.76 -9.95 5.68
C SER E 212 16.08 -8.85 4.89
N VAL E 213 15.00 -9.21 4.22
CA VAL E 213 14.28 -8.29 3.34
C VAL E 213 13.42 -7.35 4.18
N SER E 214 13.52 -6.06 3.89
CA SER E 214 12.59 -5.07 4.41
C SER E 214 11.57 -4.79 3.32
N PHE E 215 10.30 -5.01 3.63
CA PHE E 215 9.22 -4.98 2.67
C PHE E 215 8.29 -3.80 2.99
N PHE E 216 7.95 -3.04 1.95
CA PHE E 216 7.13 -1.85 2.04
C PHE E 216 5.87 -2.08 1.24
N PRO E 217 4.71 -2.28 1.89
CA PRO E 217 3.47 -2.51 1.14
C PRO E 217 2.84 -1.25 0.60
N GLN E 218 3.06 -0.10 1.24
CA GLN E 218 2.51 1.16 0.75
C GLN E 218 3.24 1.60 -0.52
N ALA E 219 2.50 2.24 -1.41
CA ALA E 219 3.05 2.74 -2.67
C ALA E 219 3.50 4.19 -2.58
N GLU E 220 3.46 4.78 -1.38
CA GLU E 220 3.82 6.17 -1.20
C GLU E 220 5.10 6.38 -0.40
N THR E 221 5.56 5.36 0.34
CA THR E 221 6.75 5.50 1.16
C THR E 221 8.05 5.33 0.39
N CYS E 222 8.01 4.80 -0.84
CA CYS E 222 9.20 4.53 -1.63
C CYS E 222 9.19 5.38 -2.88
N LYS E 223 10.31 6.03 -3.16
CA LYS E 223 10.46 6.93 -4.30
C LYS E 223 11.65 6.50 -5.14
N VAL E 224 11.49 6.55 -6.46
CA VAL E 224 12.46 5.97 -7.39
C VAL E 224 13.05 7.08 -8.26
N GLN E 225 14.37 7.09 -8.39
CA GLN E 225 15.08 7.93 -9.36
C GLN E 225 16.05 7.07 -10.15
N SER E 226 15.51 6.38 -11.17
CA SER E 226 16.11 5.90 -12.40
C SER E 226 17.15 4.78 -12.27
N ASN E 227 17.72 4.63 -11.10
CA ASN E 227 18.35 3.39 -10.67
C ASN E 227 18.18 3.26 -9.16
N ARG E 228 17.74 4.32 -8.49
CA ARG E 228 17.81 4.41 -7.03
C ARG E 228 16.42 4.28 -6.43
N VAL E 229 16.31 3.59 -5.31
CA VAL E 229 15.07 3.45 -4.56
C VAL E 229 15.29 3.96 -3.14
N PHE E 230 14.42 4.86 -2.68
CA PHE E 230 14.52 5.46 -1.37
C PHE E 230 13.25 5.13 -0.60
N CYS E 231 13.38 4.40 0.48
CA CYS E 231 12.24 4.05 1.31
C CYS E 231 12.48 4.51 2.74
N ASP E 232 11.53 4.17 3.62
CA ASP E 232 11.68 4.39 5.05
C ASP E 232 11.21 3.17 5.81
N THR E 233 11.78 2.96 7.00
CA THR E 233 11.46 1.80 7.83
C THR E 233 10.61 2.16 9.04
N MET E 234 9.70 3.13 8.88
CA MET E 234 8.85 3.54 9.99
C MET E 234 7.86 2.44 10.36
N ASN E 235 7.01 2.05 9.39
CA ASN E 235 6.08 0.94 9.58
C ASN E 235 6.35 -0.19 8.59
N SER E 236 7.59 -0.28 8.10
CA SER E 236 7.93 -1.30 7.12
C SER E 236 7.96 -2.68 7.77
N LEU E 237 7.46 -3.68 7.06
CA LEU E 237 7.55 -5.03 7.56
C LEU E 237 8.95 -5.59 7.30
N THR E 238 9.31 -6.63 8.04
CA THR E 238 10.64 -7.24 7.92
C THR E 238 10.47 -8.75 7.77
N LEU E 239 10.70 -9.24 6.56
CA LEU E 239 10.50 -10.60 6.07
C LEU E 239 11.84 -11.26 5.80
N PRO E 240 11.91 -12.61 5.83
CA PRO E 240 13.20 -13.26 5.57
C PRO E 240 13.65 -13.13 4.12
N SER E 241 14.86 -13.61 3.82
CA SER E 241 15.42 -13.53 2.48
C SER E 241 14.84 -14.59 1.55
N GLU E 242 14.05 -15.51 2.07
CA GLU E 242 13.43 -16.56 1.27
C GLU E 242 12.05 -16.17 0.77
N VAL E 243 11.77 -14.87 0.62
CA VAL E 243 10.53 -14.44 -0.01
C VAL E 243 10.66 -14.39 -1.52
N ASN E 244 11.86 -14.57 -2.06
CA ASN E 244 12.05 -14.62 -3.51
C ASN E 244 11.38 -15.85 -4.09
N LEU E 245 11.23 -16.90 -3.29
CA LEU E 245 10.47 -18.06 -3.73
C LEU E 245 8.98 -17.76 -3.86
N CYS E 246 8.52 -16.64 -3.30
CA CYS E 246 7.18 -16.17 -3.56
C CYS E 246 6.97 -15.75 -5.02
N ASN E 247 8.05 -15.46 -5.76
CA ASN E 247 7.91 -15.05 -7.15
C ASN E 247 7.63 -16.22 -8.08
N ILE E 248 8.02 -17.44 -7.70
CA ILE E 248 7.82 -18.61 -8.56
C ILE E 248 6.90 -19.65 -7.93
N ASP E 249 6.49 -19.46 -6.68
CA ASP E 249 5.57 -20.38 -6.03
C ASP E 249 4.85 -19.61 -4.92
N ILE E 250 3.60 -20.00 -4.65
CA ILE E 250 2.84 -19.36 -3.59
C ILE E 250 2.94 -20.24 -2.34
N PHE E 251 2.81 -21.56 -2.54
CA PHE E 251 2.86 -22.51 -1.44
C PHE E 251 4.25 -23.11 -1.26
N ASN E 252 5.29 -22.33 -1.53
CA ASN E 252 6.66 -22.77 -1.26
C ASN E 252 6.86 -22.91 0.24
N PRO E 253 7.55 -23.96 0.70
CA PRO E 253 7.66 -24.18 2.15
C PRO E 253 8.80 -23.42 2.80
N LYS E 254 8.99 -22.17 2.43
CA LYS E 254 9.97 -21.30 3.08
C LYS E 254 9.40 -19.97 3.51
N TYR E 255 8.32 -19.50 2.88
CA TYR E 255 7.58 -18.35 3.36
C TYR E 255 6.13 -18.49 2.91
N ASP E 256 5.21 -18.01 3.73
CA ASP E 256 3.78 -18.06 3.41
C ASP E 256 3.42 -16.75 2.72
N CYS E 257 3.34 -16.79 1.38
CA CYS E 257 3.06 -15.60 0.61
C CYS E 257 1.60 -15.19 0.77
N LYS E 258 1.37 -13.88 0.80
CA LYS E 258 0.02 -13.35 0.95
C LYS E 258 -0.78 -13.56 -0.33
N ILE E 259 -1.88 -14.30 -0.24
CA ILE E 259 -2.69 -14.67 -1.40
C ILE E 259 -4.16 -14.58 -1.04
N MET E 260 -4.94 -13.96 -1.94
CA MET E 260 -6.40 -14.07 -1.91
C MET E 260 -6.82 -14.96 -3.07
N THR E 261 -7.95 -15.63 -2.93
CA THR E 261 -8.42 -16.55 -3.95
C THR E 261 -9.80 -16.16 -4.45
N SER E 262 -10.19 -16.78 -5.56
CA SER E 262 -11.51 -16.58 -6.16
C SER E 262 -12.10 -17.97 -6.39
N LYS E 263 -13.24 -18.06 -7.07
CA LYS E 263 -13.73 -19.35 -7.54
C LYS E 263 -14.22 -19.30 -8.98
N THR E 264 -14.18 -18.12 -9.61
CA THR E 264 -14.52 -17.96 -11.01
C THR E 264 -13.48 -17.08 -11.69
N ASP E 265 -13.42 -17.18 -13.01
CA ASP E 265 -12.35 -16.56 -13.77
C ASP E 265 -12.54 -15.06 -13.88
N VAL E 266 -11.45 -14.31 -13.67
CA VAL E 266 -11.44 -12.86 -13.78
C VAL E 266 -10.32 -12.46 -14.73
N SER E 267 -10.45 -11.27 -15.32
CA SER E 267 -9.54 -10.82 -16.37
C SER E 267 -9.31 -9.32 -16.22
N SER E 268 -8.08 -8.95 -15.87
CA SER E 268 -7.68 -7.56 -15.81
C SER E 268 -6.20 -7.46 -16.15
N SER E 269 -5.78 -6.27 -16.58
CA SER E 269 -4.39 -6.02 -16.91
C SER E 269 -3.74 -5.12 -15.87
N VAL E 270 -2.49 -5.44 -15.55
CA VAL E 270 -1.73 -4.67 -14.58
C VAL E 270 -0.53 -4.05 -15.28
N ILE E 271 -0.54 -2.73 -15.46
CA ILE E 271 0.62 -2.08 -16.05
C ILE E 271 1.74 -2.03 -15.01
N THR E 272 2.98 -2.14 -15.49
CA THR E 272 4.16 -2.23 -14.64
C THR E 272 5.11 -1.08 -14.98
N SER E 273 6.32 -1.16 -14.43
CA SER E 273 7.32 -0.12 -14.68
C SER E 273 7.80 -0.15 -16.11
N LEU E 274 8.10 -1.33 -16.65
CA LEU E 274 8.69 -1.49 -17.97
C LEU E 274 7.90 -2.47 -18.82
N GLY E 275 6.58 -2.46 -18.67
CA GLY E 275 5.77 -3.38 -19.46
C GLY E 275 4.35 -3.46 -18.90
N ALA E 276 3.73 -4.62 -19.11
CA ALA E 276 2.38 -4.87 -18.62
C ALA E 276 2.06 -6.36 -18.56
N ILE E 277 1.47 -6.79 -17.46
CA ILE E 277 0.96 -8.15 -17.33
C ILE E 277 -0.49 -8.16 -17.78
N VAL E 278 -0.87 -9.14 -18.60
CA VAL E 278 -2.21 -9.23 -19.13
C VAL E 278 -2.73 -10.62 -18.81
N SER E 279 -3.77 -10.70 -17.99
CA SER E 279 -4.43 -11.96 -17.71
C SER E 279 -5.75 -11.98 -18.47
N CYS E 280 -5.97 -13.03 -19.27
CA CYS E 280 -7.14 -13.13 -20.14
C CYS E 280 -7.70 -14.55 -19.97
N TYR E 281 -8.82 -14.66 -19.28
CA TYR E 281 -9.47 -15.93 -19.03
C TYR E 281 -10.96 -15.81 -19.29
N GLY E 282 -11.62 -16.97 -19.36
CA GLY E 282 -13.05 -16.99 -19.64
C GLY E 282 -13.33 -16.59 -21.08
N LYS E 283 -14.48 -15.93 -21.26
CA LYS E 283 -14.90 -15.45 -22.57
C LYS E 283 -14.40 -14.05 -22.87
N THR E 284 -13.49 -13.52 -22.06
CA THR E 284 -12.96 -12.18 -22.28
C THR E 284 -12.02 -12.20 -23.49
N LYS E 285 -12.12 -11.16 -24.32
CA LYS E 285 -11.28 -11.00 -25.50
C LYS E 285 -10.31 -9.86 -25.23
N CYS E 286 -9.03 -10.20 -25.09
CA CYS E 286 -7.97 -9.23 -24.83
C CYS E 286 -7.02 -9.22 -26.01
N THR E 287 -6.87 -8.07 -26.64
CA THR E 287 -5.99 -7.90 -27.79
C THR E 287 -4.93 -6.85 -27.48
N ALA E 288 -3.68 -7.18 -27.73
CA ALA E 288 -2.62 -6.18 -27.68
C ALA E 288 -2.68 -5.30 -28.92
N SER E 289 -2.12 -4.11 -28.83
CA SER E 289 -2.19 -3.16 -29.93
C SER E 289 -0.99 -2.23 -29.89
N ASN E 290 -0.13 -2.33 -30.91
CA ASN E 290 0.94 -1.37 -31.12
C ASN E 290 0.34 -0.02 -31.52
N LYS E 291 1.10 1.04 -31.27
CA LYS E 291 0.66 2.39 -31.64
C LYS E 291 0.45 2.54 -33.13
N ASN E 292 1.34 1.96 -33.94
CA ASN E 292 1.30 2.12 -35.39
C ASN E 292 0.74 0.91 -36.11
N ARG E 293 1.03 -0.30 -35.64
CA ARG E 293 0.69 -1.51 -36.38
C ARG E 293 -0.70 -2.05 -36.05
N GLY E 294 -1.45 -1.39 -35.17
CA GLY E 294 -2.77 -1.91 -34.81
C GLY E 294 -2.65 -3.16 -33.95
N ILE E 295 -3.63 -4.05 -34.07
CA ILE E 295 -3.62 -5.29 -33.30
C ILE E 295 -2.50 -6.19 -33.80
N ILE E 296 -1.64 -6.62 -32.89
CA ILE E 296 -0.50 -7.46 -33.25
C ILE E 296 -0.55 -8.78 -32.50
N LYS E 297 -1.42 -8.87 -31.49
CA LYS E 297 -1.47 -10.06 -30.66
C LYS E 297 -2.88 -10.24 -30.11
N THR E 298 -3.27 -11.49 -29.93
CA THR E 298 -4.54 -11.84 -29.31
C THR E 298 -4.24 -12.82 -28.18
N PHE E 299 -4.47 -12.39 -26.95
CA PHE E 299 -4.13 -13.20 -25.79
C PHE E 299 -5.11 -14.37 -25.64
N SER E 300 -4.55 -15.56 -25.39
CA SER E 300 -5.35 -16.75 -25.16
C SER E 300 -5.79 -16.80 -23.71
N ASN E 301 -6.32 -17.95 -23.28
CA ASN E 301 -6.69 -18.15 -21.87
C ASN E 301 -5.41 -18.40 -21.07
N GLY E 302 -4.81 -17.31 -20.62
CA GLY E 302 -3.56 -17.42 -19.89
C GLY E 302 -2.99 -16.05 -19.58
N CYS E 303 -2.06 -16.04 -18.64
CA CYS E 303 -1.38 -14.83 -18.20
C CYS E 303 -0.11 -14.63 -19.01
N ASP E 304 0.00 -13.47 -19.66
CA ASP E 304 1.11 -13.17 -20.56
C ASP E 304 1.69 -11.80 -20.25
N TYR E 305 3.01 -11.72 -20.19
CA TYR E 305 3.69 -10.44 -20.11
C TYR E 305 3.84 -9.85 -21.50
N VAL E 306 3.86 -8.53 -21.58
CA VAL E 306 4.22 -7.88 -22.83
C VAL E 306 4.92 -6.56 -22.52
N SER E 307 6.01 -6.30 -23.23
CA SER E 307 6.87 -5.18 -22.89
C SER E 307 6.25 -3.86 -23.31
N ASN E 308 6.80 -2.77 -22.77
CA ASN E 308 6.38 -1.44 -23.15
C ASN E 308 7.09 -0.95 -24.40
N LYS E 309 7.97 -1.76 -24.99
CA LYS E 309 8.60 -1.43 -26.26
C LYS E 309 8.05 -2.27 -27.42
N GLY E 310 7.09 -3.16 -27.15
CA GLY E 310 6.53 -4.00 -28.19
C GLY E 310 5.08 -3.70 -28.48
N VAL E 311 4.33 -3.26 -27.48
CA VAL E 311 2.95 -2.85 -27.64
C VAL E 311 2.79 -1.46 -27.01
N ASP E 312 1.59 -0.90 -27.16
CA ASP E 312 1.29 0.39 -26.57
C ASP E 312 -0.05 0.42 -25.84
N THR E 313 -1.04 -0.39 -26.25
CA THR E 313 -2.29 -0.52 -25.52
C THR E 313 -2.67 -1.99 -25.44
N VAL E 314 -3.51 -2.33 -24.47
CA VAL E 314 -4.05 -3.67 -24.31
C VAL E 314 -5.54 -3.54 -24.02
N SER E 315 -6.38 -4.19 -24.82
CA SER E 315 -7.82 -4.17 -24.63
C SER E 315 -8.26 -5.46 -23.95
N VAL E 316 -8.77 -5.34 -22.74
CA VAL E 316 -9.35 -6.48 -22.01
C VAL E 316 -10.85 -6.23 -21.92
N GLY E 317 -11.62 -6.98 -22.69
CA GLY E 317 -13.06 -6.75 -22.73
C GLY E 317 -13.39 -5.39 -23.31
N ASN E 318 -13.77 -4.46 -22.45
CA ASN E 318 -14.01 -3.08 -22.83
C ASN E 318 -13.01 -2.11 -22.22
N THR E 319 -12.12 -2.55 -21.33
CA THR E 319 -11.15 -1.66 -20.72
C THR E 319 -9.91 -1.59 -21.58
N LEU E 320 -9.55 -0.38 -22.02
CA LEU E 320 -8.37 -0.16 -22.84
C LEU E 320 -7.26 0.34 -21.92
N TYR E 321 -6.50 -0.61 -21.37
CA TYR E 321 -5.33 -0.27 -20.57
C TYR E 321 -4.25 0.30 -21.48
N TYR E 322 -3.59 1.36 -21.02
CA TYR E 322 -2.55 2.02 -21.79
C TYR E 322 -1.21 1.62 -21.18
N VAL E 323 -0.47 0.77 -21.90
CA VAL E 323 0.79 0.23 -21.38
C VAL E 323 1.84 1.33 -21.27
N ASN E 324 1.98 2.14 -22.31
CA ASN E 324 2.88 3.27 -22.29
C ASN E 324 2.15 4.55 -21.91
N LYS E 325 2.93 5.60 -21.73
CA LYS E 325 2.38 6.94 -21.54
C LYS E 325 2.05 7.53 -22.90
N GLN E 326 0.77 7.76 -23.16
CA GLN E 326 0.32 8.25 -24.46
C GLN E 326 0.80 9.68 -24.66
N GLU E 327 1.68 9.88 -25.65
CA GLU E 327 2.15 11.22 -25.95
C GLU E 327 1.04 12.07 -26.54
N GLY E 328 1.00 13.34 -26.13
CA GLY E 328 0.02 14.28 -26.65
C GLY E 328 0.70 15.53 -27.15
N LYS E 329 -0.10 16.43 -27.70
CA LYS E 329 0.42 17.67 -28.24
C LYS E 329 0.92 18.59 -27.14
N SER E 330 1.90 19.42 -27.48
CA SER E 330 2.49 20.35 -26.54
C SER E 330 1.68 21.65 -26.49
N LEU E 331 1.99 22.48 -25.51
CA LEU E 331 1.35 23.79 -25.37
C LEU E 331 2.43 24.83 -25.12
N TYR E 332 2.07 26.10 -25.29
CA TYR E 332 2.97 27.20 -24.98
C TYR E 332 2.31 28.23 -24.07
N ILE F 81 -0.58 51.96 -9.51
CA ILE F 81 0.59 51.40 -8.84
C ILE F 81 0.28 51.19 -7.37
N GLU F 82 -0.35 52.20 -6.76
CA GLU F 82 -0.71 52.11 -5.35
C GLU F 82 -1.92 51.20 -5.15
N THR F 83 -2.87 51.23 -6.08
CA THR F 83 -4.10 50.47 -5.91
C THR F 83 -3.86 48.98 -6.09
N VAL F 84 -2.87 48.59 -6.89
CA VAL F 84 -2.54 47.17 -7.02
C VAL F 84 -2.00 46.64 -5.70
N ILE F 85 -1.11 47.39 -5.06
CA ILE F 85 -0.54 46.97 -3.78
C ILE F 85 -1.60 46.99 -2.69
N GLU F 86 -2.51 47.96 -2.73
CA GLU F 86 -3.60 47.97 -1.76
C GLU F 86 -4.60 46.84 -2.03
N PHE F 87 -4.74 46.42 -3.29
CA PHE F 87 -5.54 45.25 -3.62
C PHE F 87 -4.90 43.99 -3.06
N GLN F 88 -3.57 43.91 -3.08
CA GLN F 88 -2.91 42.77 -2.46
C GLN F 88 -2.97 42.83 -0.93
N GLN F 89 -2.94 44.04 -0.35
CA GLN F 89 -2.76 44.18 1.08
C GLN F 89 -4.08 44.16 1.85
N LYS F 90 -5.09 44.87 1.35
CA LYS F 90 -6.40 44.81 2.00
C LYS F 90 -7.05 43.45 1.79
N ASN F 91 -6.67 42.77 0.71
CA ASN F 91 -7.27 41.49 0.33
C ASN F 91 -6.25 40.35 0.27
N ASN F 92 -5.38 40.21 1.29
CA ASN F 92 -4.52 39.03 1.30
C ASN F 92 -5.34 37.77 1.56
N ARG F 93 -6.38 37.90 2.40
CA ARG F 93 -7.14 36.73 2.83
C ARG F 93 -7.80 36.03 1.64
N LEU F 94 -8.60 36.77 0.87
CA LEU F 94 -9.29 36.19 -0.29
C LEU F 94 -8.30 35.73 -1.35
N LEU F 95 -7.19 36.47 -1.53
CA LEU F 95 -6.21 36.08 -2.54
C LEU F 95 -5.53 34.77 -2.20
N GLU F 96 -5.15 34.57 -0.92
CA GLU F 96 -4.53 33.30 -0.55
C GLU F 96 -5.52 32.16 -0.53
N ILE F 97 -6.79 32.41 -0.19
CA ILE F 97 -7.78 31.34 -0.33
C ILE F 97 -8.00 30.98 -1.80
N THR F 98 -8.00 31.98 -2.69
CA THR F 98 -8.12 31.71 -4.12
C THR F 98 -6.93 30.91 -4.65
N ARG F 99 -5.72 31.28 -4.23
CA ARG F 99 -4.53 30.57 -4.69
C ARG F 99 -4.48 29.15 -4.13
N GLU F 100 -4.81 28.98 -2.85
CA GLU F 100 -4.81 27.66 -2.24
C GLU F 100 -5.94 26.78 -2.78
N PHE F 101 -7.06 27.36 -3.20
CA PHE F 101 -8.09 26.61 -3.89
C PHE F 101 -7.72 26.27 -5.32
N SER F 102 -6.92 27.11 -5.98
CA SER F 102 -6.48 26.80 -7.34
C SER F 102 -5.47 25.66 -7.32
N VAL F 103 -4.53 25.69 -6.38
CA VAL F 103 -3.49 24.66 -6.29
C VAL F 103 -4.10 23.30 -5.94
N ASN F 104 -5.01 23.27 -4.97
CA ASN F 104 -5.59 22.03 -4.50
C ASN F 104 -6.86 21.64 -5.27
N ALA F 105 -7.25 22.44 -6.26
CA ALA F 105 -8.39 22.17 -7.15
C ALA F 105 -9.70 22.02 -6.39
N GLY F 106 -10.01 23.02 -5.56
CA GLY F 106 -11.32 23.15 -4.96
C GLY F 106 -11.48 22.54 -3.58
N VAL F 107 -10.60 21.63 -3.17
CA VAL F 107 -10.68 21.00 -1.85
C VAL F 107 -9.29 21.03 -1.25
N THR F 108 -9.11 21.77 -0.15
CA THR F 108 -7.81 21.91 0.48
C THR F 108 -7.85 21.38 1.91
N THR F 109 -6.72 20.81 2.32
CA THR F 109 -6.49 20.37 3.69
C THR F 109 -4.98 20.33 3.93
N PRO F 110 -4.48 20.73 5.11
CA PRO F 110 -5.17 21.29 6.29
C PRO F 110 -5.70 22.70 6.09
N VAL F 111 -6.67 23.12 6.91
CA VAL F 111 -7.20 24.47 6.80
C VAL F 111 -6.16 25.46 7.31
N SER F 112 -5.86 26.46 6.49
CA SER F 112 -4.80 27.41 6.78
C SER F 112 -5.29 28.45 7.79
N THR F 113 -4.43 29.40 8.12
CA THR F 113 -4.80 30.56 8.91
C THR F 113 -5.32 31.70 8.06
N TYR F 114 -5.22 31.58 6.73
CA TYR F 114 -5.87 32.49 5.81
C TYR F 114 -7.32 32.08 5.56
N MET F 115 -7.60 30.79 5.68
CA MET F 115 -8.94 30.29 5.44
C MET F 115 -9.80 30.39 6.70
N LEU F 116 -9.16 30.37 7.87
CA LEU F 116 -9.86 30.40 9.15
C LEU F 116 -8.88 30.91 10.18
N THR F 117 -9.12 32.10 10.71
CA THR F 117 -8.21 32.68 11.68
C THR F 117 -8.41 32.01 13.04
N ASN F 118 -7.61 32.43 14.02
CA ASN F 118 -7.72 31.84 15.35
C ASN F 118 -8.95 32.36 16.08
N SER F 119 -9.26 33.64 15.93
CA SER F 119 -10.45 34.20 16.58
C SER F 119 -11.73 33.60 16.03
N GLU F 120 -11.80 33.42 14.70
CA GLU F 120 -12.99 32.83 14.10
C GLU F 120 -13.11 31.36 14.47
N LEU F 121 -12.00 30.63 14.51
CA LEU F 121 -12.05 29.25 14.97
C LEU F 121 -12.49 29.16 16.42
N LEU F 122 -11.97 30.03 17.30
CA LEU F 122 -12.36 30.01 18.70
C LEU F 122 -13.82 30.37 18.91
N SER F 123 -14.36 31.31 18.11
CA SER F 123 -15.78 31.57 18.18
C SER F 123 -16.60 30.42 17.59
N LEU F 124 -15.99 29.62 16.71
CA LEU F 124 -16.67 28.44 16.18
C LEU F 124 -16.60 27.23 17.10
N ILE F 125 -15.62 27.13 18.00
CA ILE F 125 -15.60 26.00 18.92
C ILE F 125 -16.75 26.09 19.92
N ASN F 126 -17.04 27.29 20.41
CA ASN F 126 -18.08 27.49 21.41
C ASN F 126 -19.49 27.28 20.87
N ASP F 127 -19.65 27.15 19.55
CA ASP F 127 -20.98 26.99 18.95
C ASP F 127 -21.36 25.54 18.67
N MET F 128 -20.40 24.63 18.56
CA MET F 128 -20.75 23.25 18.29
C MET F 128 -21.41 22.60 19.51
N PRO F 129 -22.32 21.64 19.29
CA PRO F 129 -23.00 20.96 20.42
C PRO F 129 -22.11 19.90 21.07
N ILE F 130 -21.19 20.38 21.92
CA ILE F 130 -20.28 19.53 22.66
C ILE F 130 -20.23 20.02 24.10
N THR F 131 -19.66 19.19 24.97
CA THR F 131 -19.55 19.53 26.38
C THR F 131 -18.52 20.63 26.58
N ASN F 132 -18.49 21.18 27.80
CA ASN F 132 -17.56 22.25 28.11
C ASN F 132 -16.12 21.76 28.21
N ASP F 133 -15.91 20.48 28.48
CA ASP F 133 -14.56 19.93 28.47
C ASP F 133 -13.99 19.89 27.06
N GLN F 134 -14.83 19.58 26.07
CA GLN F 134 -14.36 19.48 24.69
C GLN F 134 -13.97 20.84 24.14
N LYS F 135 -14.72 21.89 24.50
CA LYS F 135 -14.37 23.23 24.06
C LYS F 135 -13.06 23.70 24.70
N LYS F 136 -12.80 23.29 25.95
CA LYS F 136 -11.52 23.57 26.56
C LYS F 136 -10.39 22.78 25.92
N LEU F 137 -10.69 21.55 25.47
CA LEU F 137 -9.67 20.72 24.82
C LEU F 137 -9.29 21.30 23.46
N MET F 138 -10.28 21.66 22.65
CA MET F 138 -10.04 22.03 21.26
C MET F 138 -9.40 23.40 21.12
N SER F 139 -9.41 24.23 22.16
CA SER F 139 -8.77 25.54 22.10
C SER F 139 -7.28 25.47 22.36
N ASN F 140 -6.79 24.37 22.92
CA ASN F 140 -5.36 24.19 23.15
C ASN F 140 -4.66 23.45 22.02
N ASN F 141 -5.41 22.80 21.14
CA ASN F 141 -4.88 21.96 20.07
C ASN F 141 -5.44 22.40 18.72
N VAL F 142 -5.39 23.71 18.45
CA VAL F 142 -5.90 24.23 17.18
C VAL F 142 -5.05 23.78 16.01
N GLN F 143 -3.77 23.45 16.24
CA GLN F 143 -2.93 22.95 15.16
C GLN F 143 -3.39 21.60 14.65
N ILE F 144 -3.91 20.74 15.54
CA ILE F 144 -4.40 19.44 15.13
C ILE F 144 -5.84 19.51 14.63
N VAL F 145 -6.66 20.41 15.19
CA VAL F 145 -8.01 20.65 14.67
C VAL F 145 -7.94 21.19 13.25
N ARG F 146 -6.99 22.07 12.95
CA ARG F 146 -6.81 22.53 11.58
C ARG F 146 -6.29 21.43 10.67
N GLN F 147 -5.54 20.48 11.20
CA GLN F 147 -4.97 19.41 10.40
C GLN F 147 -5.94 18.26 10.15
N GLN F 148 -7.14 18.32 10.72
CA GLN F 148 -8.17 17.34 10.43
C GLN F 148 -9.41 17.94 9.81
N SER F 149 -9.45 19.26 9.63
CA SER F 149 -10.62 19.95 9.11
C SER F 149 -10.41 20.28 7.64
N TYR F 150 -11.41 19.99 6.83
CA TYR F 150 -11.34 20.27 5.39
C TYR F 150 -11.96 21.63 5.09
N SER F 151 -11.83 22.05 3.84
CA SER F 151 -12.45 23.29 3.35
C SER F 151 -12.80 23.10 1.88
N ILE F 152 -14.05 22.71 1.64
CA ILE F 152 -14.53 22.40 0.30
C ILE F 152 -15.21 23.63 -0.27
N MET F 153 -14.81 24.04 -1.48
CA MET F 153 -15.44 25.18 -2.13
C MET F 153 -16.89 24.88 -2.46
N SER F 154 -17.76 25.88 -2.29
CA SER F 154 -19.18 25.72 -2.54
C SER F 154 -19.65 26.56 -3.74
N ILE F 155 -19.43 27.86 -3.70
CA ILE F 155 -19.74 28.75 -4.82
C ILE F 155 -18.61 29.78 -4.92
N ILE F 156 -18.16 30.05 -6.13
CA ILE F 156 -17.16 31.07 -6.39
C ILE F 156 -17.75 32.08 -7.37
N LYS F 157 -17.61 33.37 -7.06
CA LYS F 157 -18.06 34.43 -7.94
C LYS F 157 -17.01 35.54 -7.94
N GLU F 158 -17.18 36.49 -8.86
CA GLU F 158 -16.26 37.61 -8.97
C GLU F 158 -16.43 38.64 -7.86
N GLU F 159 -17.46 38.52 -7.03
CA GLU F 159 -17.69 39.42 -5.92
C GLU F 159 -17.53 38.75 -4.57
N VAL F 160 -18.07 37.54 -4.39
CA VAL F 160 -17.96 36.80 -3.13
C VAL F 160 -17.36 35.43 -3.42
N LEU F 161 -16.84 34.79 -2.39
CA LEU F 161 -16.41 33.40 -2.44
C LEU F 161 -16.87 32.73 -1.16
N ALA F 162 -17.50 31.57 -1.30
CA ALA F 162 -17.98 30.81 -0.15
C ALA F 162 -17.38 29.42 -0.17
N TYR F 163 -17.10 28.91 1.03
CA TYR F 163 -16.51 27.58 1.16
C TYR F 163 -16.95 26.99 2.49
N VAL F 164 -17.37 25.72 2.44
CA VAL F 164 -17.79 25.00 3.64
C VAL F 164 -16.54 24.44 4.31
N VAL F 165 -16.27 24.87 5.54
CA VAL F 165 -15.16 24.34 6.32
C VAL F 165 -15.71 23.24 7.21
N GLN F 166 -15.20 22.02 7.03
CA GLN F 166 -15.64 20.86 7.76
C GLN F 166 -14.69 20.64 8.93
N LEU F 167 -15.07 21.15 10.10
CA LEU F 167 -14.34 21.05 11.35
C LEU F 167 -14.58 19.70 12.00
N PRO F 168 -13.65 19.21 12.82
CA PRO F 168 -13.87 17.94 13.51
C PRO F 168 -14.82 18.10 14.69
N LEU F 169 -15.68 17.10 14.86
CA LEU F 169 -16.55 16.98 16.03
C LEU F 169 -16.23 15.67 16.72
N TYR F 170 -15.67 15.75 17.92
CA TYR F 170 -15.21 14.57 18.64
C TYR F 170 -16.32 14.01 19.51
N GLY F 171 -16.68 12.75 19.26
CA GLY F 171 -17.71 12.09 20.04
C GLY F 171 -17.32 11.81 21.47
N VAL F 172 -16.09 11.32 21.67
CA VAL F 172 -15.61 10.97 23.00
C VAL F 172 -14.25 11.64 23.23
N ILE F 173 -13.99 11.98 24.48
CA ILE F 173 -12.83 12.79 24.86
C ILE F 173 -12.44 12.43 26.29
N ASP F 174 -11.13 12.43 26.54
CA ASP F 174 -10.51 12.08 27.84
C ASP F 174 -10.81 10.63 28.21
N THR F 175 -10.36 9.72 27.33
CA THR F 175 -10.37 8.28 27.55
C THR F 175 -8.99 7.76 27.16
N PRO F 176 -8.53 6.65 27.76
CA PRO F 176 -7.14 6.23 27.54
C PRO F 176 -6.85 5.78 26.11
N CYS F 177 -5.62 6.04 25.66
CA CYS F 177 -5.10 5.57 24.39
C CYS F 177 -3.70 5.00 24.60
N TRP F 178 -3.27 4.18 23.64
CA TRP F 178 -1.91 3.65 23.64
C TRP F 178 -1.48 3.26 22.23
N LYS F 179 -0.24 3.58 21.87
CA LYS F 179 0.32 3.21 20.58
C LYS F 179 1.07 1.90 20.72
N LEU F 180 0.88 1.01 19.75
CA LEU F 180 1.53 -0.29 19.76
C LEU F 180 2.66 -0.32 18.73
N HIS F 181 3.87 -0.63 19.20
CA HIS F 181 5.02 -0.87 18.35
C HIS F 181 5.41 -2.33 18.47
N THR F 182 5.78 -2.94 17.35
CA THR F 182 6.05 -4.37 17.32
C THR F 182 7.30 -4.67 16.54
N SER F 183 7.93 -5.79 16.88
CA SER F 183 9.20 -6.22 16.29
C SER F 183 9.18 -7.74 16.24
N PRO F 184 9.91 -8.35 15.31
CA PRO F 184 9.91 -9.82 15.21
C PRO F 184 10.45 -10.49 16.47
N LEU F 185 9.69 -11.45 16.98
CA LEU F 185 10.06 -12.24 18.14
C LEU F 185 10.34 -13.67 17.67
N CYS F 186 11.61 -14.05 17.68
CA CYS F 186 12.03 -15.36 17.20
C CYS F 186 12.37 -16.28 18.36
N THR F 187 11.85 -17.50 18.31
CA THR F 187 12.15 -18.54 19.30
C THR F 187 12.90 -19.66 18.59
N THR F 188 13.98 -20.13 19.20
CA THR F 188 14.78 -21.21 18.64
C THR F 188 15.36 -22.07 19.75
N ASN F 195 12.38 -23.42 14.81
CA ASN F 195 12.63 -22.05 14.37
C ASN F 195 11.35 -21.40 13.84
N ILE F 196 10.99 -20.27 14.44
CA ILE F 196 9.82 -19.50 14.00
C ILE F 196 10.04 -18.06 14.43
N CYS F 197 9.38 -17.13 13.75
CA CYS F 197 9.38 -15.73 14.15
C CYS F 197 7.96 -15.19 13.97
N LEU F 198 7.52 -14.40 14.96
CA LEU F 198 6.14 -13.93 14.97
C LEU F 198 6.17 -12.42 15.14
N THR F 199 5.79 -11.69 14.09
CA THR F 199 5.68 -10.24 14.15
C THR F 199 4.20 -9.88 14.21
N ARG F 200 3.78 -9.20 15.27
CA ARG F 200 2.40 -8.77 15.37
C ARG F 200 2.17 -7.61 14.41
N THR F 201 1.45 -7.87 13.33
CA THR F 201 1.27 -6.91 12.24
C THR F 201 0.19 -5.88 12.55
N ASP F 202 -0.46 -5.99 13.70
CA ASP F 202 -1.54 -5.10 14.10
C ASP F 202 -1.06 -3.85 14.85
N ARG F 203 0.17 -3.41 14.57
CA ARG F 203 0.66 -2.17 15.15
C ARG F 203 -0.11 -0.98 14.62
N GLY F 204 -0.21 0.05 15.43
CA GLY F 204 -1.00 1.22 15.14
C GLY F 204 -1.49 1.85 16.42
N TRP F 205 -2.57 2.62 16.32
CA TRP F 205 -3.11 3.31 17.48
C TRP F 205 -4.35 2.61 18.01
N TYR F 206 -4.55 2.70 19.32
CA TYR F 206 -5.73 2.16 19.99
C TYR F 206 -6.28 3.21 20.93
N CYS F 207 -7.61 3.32 21.00
CA CYS F 207 -8.23 4.29 21.90
C CYS F 207 -9.57 3.76 22.41
N ASP F 208 -9.80 3.88 23.73
CA ASP F 208 -11.05 3.42 24.33
C ASP F 208 -12.20 4.32 23.87
N ASN F 209 -13.17 3.75 23.15
CA ASN F 209 -14.27 4.54 22.62
C ASN F 209 -15.52 4.50 23.49
N ALA F 210 -16.12 3.31 23.64
CA ALA F 210 -17.40 3.18 24.34
C ALA F 210 -17.40 1.89 25.16
N GLY F 211 -16.30 1.61 25.85
CA GLY F 211 -16.11 0.31 26.46
C GLY F 211 -15.47 -0.70 25.55
N SER F 212 -15.26 -0.35 24.28
CA SER F 212 -14.51 -1.16 23.34
C SER F 212 -13.54 -0.23 22.61
N VAL F 213 -12.41 -0.80 22.19
CA VAL F 213 -11.28 -0.01 21.71
C VAL F 213 -11.37 0.15 20.20
N SER F 214 -11.39 1.39 19.74
CA SER F 214 -11.23 1.70 18.33
C SER F 214 -9.76 1.59 17.97
N PHE F 215 -9.47 0.83 16.92
CA PHE F 215 -8.11 0.59 16.44
C PHE F 215 -7.93 1.30 15.11
N PHE F 216 -6.87 2.09 15.01
CA PHE F 216 -6.56 2.86 13.81
C PHE F 216 -5.24 2.38 13.26
N PRO F 217 -5.24 1.61 12.16
CA PRO F 217 -3.98 1.07 11.63
C PRO F 217 -3.20 2.08 10.81
N GLN F 218 -3.89 3.02 10.17
CA GLN F 218 -3.23 4.00 9.33
C GLN F 218 -2.50 5.03 10.18
N ALA F 219 -1.38 5.52 9.66
CA ALA F 219 -0.54 6.48 10.37
C ALA F 219 -0.95 7.93 10.11
N GLU F 220 -1.87 8.17 9.18
CA GLU F 220 -2.28 9.53 8.85
C GLU F 220 -3.52 9.97 9.60
N THR F 221 -4.30 9.04 10.15
CA THR F 221 -5.56 9.40 10.80
C THR F 221 -5.32 10.05 12.16
N CYS F 222 -4.32 9.57 12.90
CA CYS F 222 -4.12 9.98 14.29
C CYS F 222 -2.97 10.97 14.37
N LYS F 223 -3.23 12.12 15.00
CA LYS F 223 -2.22 13.14 15.24
C LYS F 223 -1.98 13.27 16.74
N VAL F 224 -0.72 13.46 17.12
CA VAL F 224 -0.31 13.37 18.52
C VAL F 224 0.21 14.73 18.97
N GLN F 225 -0.41 15.28 20.00
CA GLN F 225 0.12 16.40 20.77
C GLN F 225 0.69 15.85 22.08
N SER F 226 1.13 16.76 22.96
CA SER F 226 2.04 16.52 24.07
C SER F 226 1.78 15.24 24.86
N ASN F 227 0.52 14.97 25.18
CA ASN F 227 0.10 13.66 25.66
C ASN F 227 -1.25 13.27 25.09
N ARG F 228 -1.66 13.86 23.98
CA ARG F 228 -3.02 13.77 23.48
C ARG F 228 -3.03 13.15 22.10
N VAL F 229 -4.04 12.33 21.82
CA VAL F 229 -4.17 11.65 20.54
C VAL F 229 -5.50 12.06 19.92
N PHE F 230 -5.46 12.43 18.65
CA PHE F 230 -6.65 12.87 17.91
C PHE F 230 -6.77 11.99 16.68
N CYS F 231 -7.64 11.00 16.74
CA CYS F 231 -7.90 10.11 15.63
C CYS F 231 -9.25 10.45 15.01
N ASP F 232 -9.67 9.67 14.02
CA ASP F 232 -11.04 9.74 13.53
C ASP F 232 -11.55 8.33 13.28
N THR F 233 -12.82 8.11 13.61
CA THR F 233 -13.43 6.80 13.45
C THR F 233 -14.30 6.79 12.19
N MET F 234 -13.63 6.99 11.06
CA MET F 234 -14.25 6.82 9.76
C MET F 234 -13.95 5.44 9.17
N ASN F 235 -12.68 5.10 9.05
CA ASN F 235 -12.24 3.75 8.75
C ASN F 235 -11.44 3.31 9.98
N SER F 236 -12.15 2.83 11.00
CA SER F 236 -11.54 2.43 12.24
C SER F 236 -12.18 1.12 12.68
N LEU F 237 -11.38 0.21 13.22
CA LEU F 237 -11.84 -1.13 13.51
C LEU F 237 -12.20 -1.22 14.99
N THR F 238 -13.47 -1.47 15.29
CA THR F 238 -13.93 -1.44 16.68
C THR F 238 -13.67 -2.81 17.30
N LEU F 239 -12.48 -3.00 17.86
CA LEU F 239 -12.07 -4.20 18.57
C LEU F 239 -12.60 -4.16 20.00
N PRO F 240 -12.71 -5.31 20.66
CA PRO F 240 -13.13 -5.31 22.07
C PRO F 240 -12.05 -4.75 22.98
N SER F 241 -12.41 -4.63 24.26
CA SER F 241 -11.47 -4.14 25.27
C SER F 241 -10.41 -5.17 25.65
N GLU F 242 -10.54 -6.41 25.17
CA GLU F 242 -9.60 -7.48 25.48
C GLU F 242 -8.40 -7.50 24.53
N VAL F 243 -8.10 -6.37 23.87
CA VAL F 243 -6.88 -6.26 23.07
C VAL F 243 -5.64 -6.01 23.92
N ASN F 244 -5.82 -5.71 25.21
CA ASN F 244 -4.69 -5.57 26.11
C ASN F 244 -4.00 -6.90 26.38
N LEU F 245 -4.74 -8.00 26.28
CA LEU F 245 -4.19 -9.33 26.54
C LEU F 245 -3.33 -9.84 25.39
N CYS F 246 -3.35 -9.17 24.24
CA CYS F 246 -2.40 -9.49 23.17
C CYS F 246 -1.01 -8.95 23.45
N ASN F 247 -0.87 -8.03 24.40
CA ASN F 247 0.43 -7.47 24.73
C ASN F 247 1.30 -8.49 25.46
N ILE F 248 0.69 -9.44 26.16
CA ILE F 248 1.42 -10.40 26.98
C ILE F 248 1.30 -11.82 26.47
N ASP F 249 0.52 -12.05 25.42
CA ASP F 249 0.32 -13.42 24.93
C ASP F 249 -0.01 -13.39 23.45
N ILE F 250 0.71 -14.18 22.66
CA ILE F 250 0.39 -14.36 21.26
C ILE F 250 -0.89 -15.18 21.09
N PHE F 251 -1.02 -16.25 21.86
CA PHE F 251 -2.09 -17.24 21.70
C PHE F 251 -3.17 -17.06 22.77
N ASN F 252 -3.50 -15.80 23.07
CA ASN F 252 -4.50 -15.48 24.07
C ASN F 252 -5.86 -16.02 23.66
N PRO F 253 -6.54 -16.77 24.54
CA PRO F 253 -7.86 -17.32 24.17
C PRO F 253 -9.01 -16.31 24.28
N LYS F 254 -8.84 -15.22 25.04
CA LYS F 254 -9.89 -14.22 25.14
C LYS F 254 -10.01 -13.37 23.87
N TYR F 255 -8.91 -13.18 23.15
CA TYR F 255 -8.92 -12.41 21.91
C TYR F 255 -7.70 -12.81 21.09
N ASP F 256 -7.93 -13.37 19.91
CA ASP F 256 -6.84 -13.83 19.06
C ASP F 256 -6.05 -12.65 18.52
N CYS F 257 -4.75 -12.85 18.33
CA CYS F 257 -3.88 -11.80 17.83
C CYS F 257 -3.42 -12.15 16.41
N LYS F 258 -3.64 -11.23 15.48
CA LYS F 258 -3.25 -11.46 14.10
C LYS F 258 -1.75 -11.19 13.93
N ILE F 259 -1.05 -12.18 13.38
CA ILE F 259 0.40 -12.20 13.35
C ILE F 259 0.89 -12.53 11.95
N MET F 260 2.15 -12.19 11.69
CA MET F 260 2.86 -12.59 10.48
C MET F 260 3.97 -13.55 10.90
N THR F 261 4.04 -14.68 10.23
CA THR F 261 4.88 -15.80 10.65
C THR F 261 6.02 -16.02 9.65
N SER F 262 7.24 -16.05 10.15
CA SER F 262 8.42 -16.38 9.37
C SER F 262 9.03 -17.66 9.91
N LYS F 263 9.77 -18.35 9.04
CA LYS F 263 10.43 -19.61 9.41
C LYS F 263 11.95 -19.48 9.48
N THR F 264 12.46 -18.25 9.52
CA THR F 264 13.89 -18.00 9.52
C THR F 264 14.17 -16.82 10.44
N ASP F 265 15.29 -16.89 11.16
CA ASP F 265 15.72 -15.83 12.07
C ASP F 265 15.87 -14.51 11.32
N VAL F 266 15.30 -13.45 11.87
CA VAL F 266 15.26 -12.14 11.23
C VAL F 266 15.59 -11.08 12.27
N SER F 267 16.47 -10.15 11.91
CA SER F 267 16.92 -9.10 12.81
C SER F 267 16.47 -7.74 12.31
N SER F 268 16.09 -6.87 13.23
CA SER F 268 15.60 -5.54 12.88
C SER F 268 15.65 -4.66 14.12
N SER F 269 15.18 -3.43 13.97
CA SER F 269 15.04 -2.50 15.08
C SER F 269 13.94 -1.51 14.74
N VAL F 270 13.07 -1.25 15.72
CA VAL F 270 11.92 -0.38 15.55
C VAL F 270 12.13 0.84 16.44
N ILE F 271 12.12 2.01 15.83
CA ILE F 271 12.30 3.27 16.56
C ILE F 271 10.94 3.69 17.09
N THR F 272 10.73 3.49 18.40
CA THR F 272 9.45 3.77 19.03
C THR F 272 9.43 5.21 19.56
N SER F 273 8.38 5.55 20.31
CA SER F 273 8.19 6.93 20.75
C SER F 273 9.17 7.33 21.84
N LEU F 274 9.36 6.46 22.84
CA LEU F 274 10.22 6.78 23.97
C LEU F 274 11.30 5.73 24.15
N GLY F 275 11.86 5.24 23.05
CA GLY F 275 12.87 4.19 23.08
C GLY F 275 12.96 3.52 21.72
N ALA F 276 13.44 2.29 21.73
CA ALA F 276 13.54 1.50 20.51
C ALA F 276 13.64 0.02 20.86
N ILE F 277 12.96 -0.80 20.09
CA ILE F 277 13.06 -2.25 20.20
C ILE F 277 14.16 -2.72 19.26
N VAL F 278 14.97 -3.67 19.72
CA VAL F 278 16.07 -4.21 18.92
C VAL F 278 15.94 -5.72 18.94
N SER F 279 15.72 -6.32 17.78
CA SER F 279 15.63 -7.76 17.65
C SER F 279 16.89 -8.26 16.95
N CYS F 280 17.73 -8.97 17.70
CA CYS F 280 19.03 -9.45 17.20
C CYS F 280 19.04 -10.97 17.30
N TYR F 281 18.83 -11.63 16.17
CA TYR F 281 18.83 -13.08 16.12
C TYR F 281 19.77 -13.57 15.01
N GLY F 282 20.15 -14.85 15.11
CA GLY F 282 21.07 -15.40 14.15
C GLY F 282 22.49 -14.90 14.38
N LYS F 283 23.21 -14.75 13.27
CA LYS F 283 24.61 -14.31 13.31
C LYS F 283 24.76 -12.80 13.21
N THR F 284 23.66 -12.05 13.24
CA THR F 284 23.73 -10.61 13.13
C THR F 284 24.36 -10.02 14.39
N LYS F 285 25.23 -9.02 14.20
CA LYS F 285 25.95 -8.37 15.31
C LYS F 285 25.33 -7.00 15.53
N CYS F 286 24.58 -6.87 16.62
CA CYS F 286 23.88 -5.63 16.95
C CYS F 286 24.50 -5.03 18.21
N THR F 287 24.91 -3.76 18.12
CA THR F 287 25.51 -3.05 19.23
C THR F 287 24.73 -1.76 19.47
N ALA F 288 24.39 -1.49 20.73
CA ALA F 288 23.77 -0.24 21.13
C ALA F 288 24.89 0.71 21.55
N SER F 289 24.94 1.88 20.91
CA SER F 289 26.03 2.83 21.08
C SER F 289 25.51 4.19 21.52
N ASN F 290 26.21 4.78 22.49
CA ASN F 290 25.95 6.11 23.02
C ASN F 290 26.82 7.08 22.24
N LYS F 291 26.28 8.28 21.98
CA LYS F 291 26.96 9.27 21.14
C LYS F 291 28.32 9.67 21.71
N ASN F 292 28.41 9.83 23.04
CA ASN F 292 29.64 10.30 23.67
C ASN F 292 30.36 9.19 24.43
N ARG F 293 30.04 7.92 24.14
CA ARG F 293 30.69 6.80 24.81
C ARG F 293 31.17 5.71 23.86
N GLY F 294 30.67 5.65 22.63
CA GLY F 294 30.96 4.51 21.78
C GLY F 294 29.99 3.36 22.08
N ILE F 295 30.44 2.14 21.77
CA ILE F 295 29.60 0.97 22.01
C ILE F 295 29.46 0.73 23.51
N ILE F 296 28.21 0.72 23.98
CA ILE F 296 27.91 0.51 25.39
C ILE F 296 27.16 -0.78 25.66
N LYS F 297 26.56 -1.39 24.63
CA LYS F 297 25.84 -2.63 24.86
C LYS F 297 26.01 -3.53 23.65
N THR F 298 26.16 -4.83 23.88
CA THR F 298 26.19 -5.82 22.81
C THR F 298 25.02 -6.77 23.04
N PHE F 299 24.11 -6.86 22.08
CA PHE F 299 22.94 -7.69 22.23
C PHE F 299 23.28 -9.14 21.97
N SER F 300 22.71 -10.02 22.79
CA SER F 300 22.79 -11.46 22.55
C SER F 300 21.67 -11.87 21.61
N ASN F 301 21.43 -13.16 21.48
CA ASN F 301 20.35 -13.68 20.65
C ASN F 301 19.03 -13.42 21.38
N GLY F 302 18.36 -12.34 21.03
CA GLY F 302 17.11 -12.02 21.70
C GLY F 302 16.55 -10.69 21.24
N CYS F 303 15.41 -10.35 21.86
CA CYS F 303 14.71 -9.09 21.63
C CYS F 303 14.82 -8.24 22.88
N ASP F 304 15.39 -7.05 22.75
CA ASP F 304 15.63 -6.16 23.87
C ASP F 304 15.03 -4.79 23.58
N TYR F 305 14.99 -3.95 24.62
CA TYR F 305 14.46 -2.61 24.53
C TYR F 305 15.51 -1.64 25.06
N VAL F 306 15.79 -0.59 24.31
CA VAL F 306 16.70 0.46 24.74
C VAL F 306 15.91 1.75 24.96
N SER F 307 16.16 2.41 26.09
CA SER F 307 15.57 3.70 26.35
C SER F 307 16.36 4.76 25.59
N ASN F 308 15.66 5.78 25.09
CA ASN F 308 16.36 6.82 24.33
C ASN F 308 17.15 7.79 25.23
N LYS F 309 17.15 7.62 26.54
CA LYS F 309 17.94 8.48 27.41
C LYS F 309 19.42 8.12 27.36
N GLY F 310 19.73 6.83 27.22
CA GLY F 310 21.12 6.39 27.23
C GLY F 310 21.66 5.96 25.88
N VAL F 311 20.81 5.37 25.05
CA VAL F 311 21.22 4.80 23.77
C VAL F 311 20.85 5.79 22.66
N ASP F 312 21.81 6.02 21.76
CA ASP F 312 21.57 6.93 20.64
C ASP F 312 21.50 6.21 19.31
N THR F 313 22.41 5.28 19.03
CA THR F 313 22.39 4.54 17.78
C THR F 313 22.38 3.04 18.07
N VAL F 314 21.92 2.27 17.09
CA VAL F 314 21.93 0.82 17.17
C VAL F 314 22.42 0.27 15.84
N SER F 315 23.46 -0.55 15.87
CA SER F 315 23.98 -1.18 14.68
C SER F 315 23.46 -2.62 14.61
N VAL F 316 22.62 -2.90 13.62
CA VAL F 316 22.16 -4.26 13.34
C VAL F 316 22.79 -4.67 12.02
N GLY F 317 23.79 -5.55 12.08
CA GLY F 317 24.54 -5.89 10.89
C GLY F 317 25.33 -4.68 10.40
N ASN F 318 24.86 -4.10 9.30
CA ASN F 318 25.43 -2.86 8.80
C ASN F 318 24.47 -1.67 8.91
N THR F 319 23.23 -1.89 9.33
CA THR F 319 22.26 -0.80 9.41
C THR F 319 22.42 -0.05 10.73
N LEU F 320 22.31 1.27 10.67
CA LEU F 320 22.40 2.12 11.86
C LEU F 320 21.05 2.76 12.09
N TYR F 321 20.23 2.13 12.94
CA TYR F 321 18.97 2.70 13.37
C TYR F 321 19.24 3.74 14.45
N TYR F 322 18.86 4.98 14.19
CA TYR F 322 19.09 6.06 15.15
C TYR F 322 17.90 6.09 16.10
N VAL F 323 18.14 5.61 17.33
CA VAL F 323 17.11 5.57 18.37
C VAL F 323 16.65 6.98 18.71
N ASN F 324 17.59 7.87 18.97
CA ASN F 324 17.29 9.28 19.09
C ASN F 324 17.24 9.93 17.70
N LYS F 325 17.09 11.23 17.69
CA LYS F 325 17.22 12.02 16.48
C LYS F 325 18.54 12.80 16.57
N GLN F 326 19.43 12.56 15.61
CA GLN F 326 20.73 13.21 15.63
C GLN F 326 20.60 14.69 15.36
N GLU F 327 21.34 15.50 16.11
CA GLU F 327 21.23 16.95 16.00
C GLU F 327 22.36 17.49 15.14
N GLY F 328 22.02 18.42 14.25
CA GLY F 328 22.96 19.01 13.31
C GLY F 328 23.20 20.49 13.57
N LYS F 329 24.05 21.05 12.71
CA LYS F 329 24.44 22.46 12.85
C LYS F 329 23.28 23.38 12.51
N SER F 330 23.12 24.43 13.30
CA SER F 330 22.11 25.44 13.02
C SER F 330 22.57 26.33 11.86
N LEU F 331 21.60 26.87 11.14
CA LEU F 331 21.88 27.76 10.01
C LEU F 331 21.09 29.04 10.18
N TYR F 332 21.42 30.04 9.37
CA TYR F 332 20.76 31.34 9.44
C TYR F 332 20.22 31.74 8.08
N GLU G 1 11.07 -32.38 -25.92
CA GLU G 1 10.23 -31.99 -24.80
C GLU G 1 11.04 -31.87 -23.51
N VAL G 2 10.34 -31.72 -22.38
CA VAL G 2 10.99 -31.66 -21.08
C VAL G 2 11.51 -33.04 -20.73
N GLN G 3 12.81 -33.13 -20.44
CA GLN G 3 13.43 -34.41 -20.12
C GLN G 3 14.44 -34.21 -19.00
N LEU G 4 14.62 -35.25 -18.19
CA LEU G 4 15.49 -35.21 -17.02
C LEU G 4 16.40 -36.42 -17.05
N GLN G 5 17.64 -36.24 -17.50
CA GLN G 5 18.62 -37.31 -17.42
C GLN G 5 19.09 -37.47 -15.97
N GLN G 6 19.52 -38.67 -15.64
CA GLN G 6 20.09 -38.95 -14.32
C GLN G 6 21.36 -39.78 -14.46
N SER G 7 22.20 -39.70 -13.44
CA SER G 7 23.46 -40.43 -13.40
C SER G 7 23.20 -41.93 -13.30
N GLY G 8 24.16 -42.71 -13.77
CA GLY G 8 24.05 -44.14 -13.79
C GLY G 8 24.12 -44.75 -12.40
N PRO G 9 23.81 -46.04 -12.29
CA PRO G 9 23.83 -46.70 -10.97
C PRO G 9 25.25 -46.80 -10.43
N GLU G 10 25.40 -46.44 -9.16
CA GLU G 10 26.69 -46.42 -8.50
C GLU G 10 26.78 -47.57 -7.50
N LEU G 11 27.96 -48.16 -7.39
CA LEU G 11 28.25 -49.21 -6.42
C LEU G 11 29.33 -48.68 -5.48
N VAL G 12 28.93 -48.23 -4.29
CA VAL G 12 29.82 -47.51 -3.41
C VAL G 12 29.95 -48.24 -2.08
N LYS G 13 31.20 -48.22 -1.51
CA LYS G 13 31.49 -48.67 -0.16
C LYS G 13 30.79 -47.77 0.85
N PRO G 14 30.40 -48.30 2.02
CA PRO G 14 29.68 -47.47 3.00
C PRO G 14 30.57 -46.38 3.58
N GLY G 15 29.92 -45.29 3.98
CA GLY G 15 30.60 -44.17 4.59
C GLY G 15 31.18 -43.15 3.63
N ALA G 16 30.87 -43.25 2.34
CA ALA G 16 31.42 -42.35 1.33
C ALA G 16 30.32 -41.41 0.84
N SER G 17 30.64 -40.11 0.82
CA SER G 17 29.70 -39.10 0.33
C SER G 17 29.71 -39.13 -1.20
N VAL G 18 28.57 -39.47 -1.80
CA VAL G 18 28.47 -39.60 -3.24
C VAL G 18 27.60 -38.47 -3.78
N LYS G 19 27.65 -38.27 -5.09
CA LYS G 19 26.90 -37.18 -5.72
C LYS G 19 26.06 -37.74 -6.85
N ILE G 20 24.76 -37.48 -6.78
CA ILE G 20 23.81 -37.84 -7.83
C ILE G 20 23.53 -36.59 -8.66
N SER G 21 23.66 -36.72 -9.98
CA SER G 21 23.47 -35.60 -10.90
C SER G 21 22.21 -35.83 -11.71
N CYS G 22 21.40 -34.78 -11.84
CA CYS G 22 20.15 -34.82 -12.59
C CYS G 22 20.14 -33.62 -13.55
N LYS G 23 20.23 -33.91 -14.84
CA LYS G 23 20.34 -32.87 -15.86
C LYS G 23 18.95 -32.60 -16.44
N ALA G 24 18.53 -31.33 -16.40
CA ALA G 24 17.20 -30.91 -16.83
C ALA G 24 17.33 -30.17 -18.16
N SER G 25 16.61 -30.64 -19.19
CA SER G 25 16.61 -29.96 -20.47
C SER G 25 15.18 -29.83 -20.97
N GLY G 26 14.79 -28.61 -21.35
CA GLY G 26 13.52 -28.42 -22.01
C GLY G 26 12.56 -27.43 -21.39
N PHE G 27 12.94 -26.77 -20.30
CA PHE G 27 12.04 -25.84 -19.65
C PHE G 27 12.84 -24.71 -19.00
N THR G 28 12.12 -23.79 -18.37
CA THR G 28 12.75 -22.72 -17.61
C THR G 28 13.09 -23.21 -16.21
N PHE G 29 14.37 -23.20 -15.87
CA PHE G 29 14.85 -23.78 -14.62
C PHE G 29 14.65 -22.87 -13.42
N THR G 30 14.22 -21.63 -13.62
CA THR G 30 13.97 -20.69 -12.55
C THR G 30 12.48 -20.46 -12.36
N ASP G 31 11.67 -21.44 -12.77
CA ASP G 31 10.23 -21.38 -12.59
C ASP G 31 9.67 -22.61 -11.89
N PHE G 32 10.49 -23.63 -11.62
CA PHE G 32 9.98 -24.88 -11.07
C PHE G 32 10.82 -25.23 -9.85
N SER G 33 10.67 -26.45 -9.33
CA SER G 33 11.44 -26.87 -8.16
C SER G 33 11.78 -28.35 -8.29
N ILE G 34 13.06 -28.67 -8.29
CA ILE G 34 13.49 -30.05 -8.45
C ILE G 34 13.38 -30.75 -7.10
N HIS G 35 12.33 -31.54 -6.93
CA HIS G 35 12.19 -32.32 -5.70
C HIS G 35 12.97 -33.62 -5.83
N TRP G 36 13.39 -34.16 -4.69
CA TRP G 36 14.11 -35.43 -4.67
C TRP G 36 13.31 -36.45 -3.89
N VAL G 37 13.13 -37.63 -4.48
CA VAL G 37 12.29 -38.67 -3.91
C VAL G 37 13.06 -39.98 -3.93
N LYS G 38 13.23 -40.59 -2.76
CA LYS G 38 13.95 -41.85 -2.63
C LYS G 38 12.95 -43.00 -2.51
N GLN G 39 13.05 -43.96 -3.41
CA GLN G 39 12.29 -45.20 -3.33
C GLN G 39 13.25 -46.31 -2.93
N SER G 40 12.96 -46.97 -1.82
CA SER G 40 13.78 -48.07 -1.35
C SER G 40 13.45 -49.33 -2.16
N GLN G 41 13.95 -50.48 -1.71
CA GLN G 41 13.82 -51.72 -2.46
C GLN G 41 12.44 -52.33 -2.19
N GLY G 42 11.45 -51.89 -2.95
CA GLY G 42 10.11 -52.46 -2.83
C GLY G 42 9.22 -51.83 -1.79
N LYS G 43 9.43 -50.54 -1.50
CA LYS G 43 8.54 -49.78 -0.63
C LYS G 43 8.13 -48.48 -1.31
N SER G 44 7.48 -47.62 -0.55
CA SER G 44 6.78 -46.46 -1.09
C SER G 44 7.78 -45.36 -1.48
N LEU G 45 7.23 -44.26 -1.99
CA LEU G 45 8.02 -43.14 -2.49
C LEU G 45 8.29 -42.19 -1.32
N ASP G 46 9.39 -42.46 -0.62
CA ASP G 46 9.75 -41.66 0.54
C ASP G 46 10.32 -40.32 0.09
N TRP G 47 9.78 -39.22 0.61
CA TRP G 47 10.25 -37.90 0.24
C TRP G 47 11.58 -37.60 0.93
N VAL G 48 12.43 -36.83 0.24
CA VAL G 48 13.75 -36.47 0.74
C VAL G 48 13.85 -34.97 0.99
N GLY G 49 13.60 -34.17 -0.03
CA GLY G 49 13.75 -32.73 0.10
C GLY G 49 13.42 -32.02 -1.18
N TYR G 50 13.49 -30.70 -1.11
CA TYR G 50 13.21 -29.85 -2.24
C TYR G 50 14.32 -28.83 -2.41
N ILE G 51 14.57 -28.48 -3.66
CA ILE G 51 15.41 -27.34 -4.04
C ILE G 51 14.70 -26.51 -5.10
N TYR G 52 14.49 -25.25 -4.81
CA TYR G 52 13.99 -24.31 -5.79
C TYR G 52 15.22 -23.66 -6.42
N PRO G 53 15.50 -23.91 -7.69
CA PRO G 53 16.74 -23.41 -8.30
C PRO G 53 16.71 -21.92 -8.61
N TYR G 54 15.60 -21.24 -8.37
CA TYR G 54 15.56 -19.79 -8.56
C TYR G 54 16.49 -19.09 -7.59
N THR G 55 16.52 -19.54 -6.33
CA THR G 55 17.45 -19.03 -5.33
C THR G 55 18.37 -20.11 -4.77
N GLY G 56 18.29 -21.33 -5.28
CA GLY G 56 18.98 -22.44 -4.66
C GLY G 56 18.41 -22.84 -3.32
N GLY G 57 17.15 -22.50 -3.06
CA GLY G 57 16.57 -22.70 -1.73
C GLY G 57 16.27 -24.14 -1.42
N ASN G 58 16.86 -24.68 -0.37
CA ASN G 58 16.76 -26.09 -0.05
C ASN G 58 16.00 -26.30 1.25
N GLY G 59 15.23 -27.39 1.29
CA GLY G 59 14.60 -27.83 2.51
C GLY G 59 14.48 -29.33 2.49
N TYR G 60 14.27 -29.91 3.67
CA TYR G 60 14.32 -31.37 3.80
C TYR G 60 13.17 -31.90 4.63
N ASN G 61 12.81 -33.14 4.35
CA ASN G 61 12.09 -33.96 5.31
C ASN G 61 12.99 -34.16 6.51
N LEU G 62 12.40 -34.17 7.71
CA LEU G 62 13.21 -34.20 8.92
C LEU G 62 13.61 -35.63 9.32
N LYS G 63 14.10 -36.39 8.35
CA LYS G 63 14.92 -37.56 8.64
C LYS G 63 16.05 -37.66 7.62
N PHE G 64 16.16 -36.69 6.70
CA PHE G 64 17.24 -36.61 5.73
C PHE G 64 18.07 -35.35 5.90
N GLN G 65 17.86 -34.60 6.99
CA GLN G 65 18.59 -33.34 7.19
C GLN G 65 20.06 -33.59 7.47
N SER G 66 20.39 -34.68 8.17
CA SER G 66 21.77 -35.04 8.45
C SER G 66 22.32 -36.03 7.44
N LYS G 67 21.62 -36.22 6.33
CA LYS G 67 21.99 -37.22 5.34
C LYS G 67 22.24 -36.63 3.96
N ALA G 68 21.41 -35.68 3.52
CA ALA G 68 21.48 -35.18 2.16
C ALA G 68 21.82 -33.70 2.14
N THR G 69 22.55 -33.30 1.10
CA THR G 69 22.87 -31.89 0.83
C THR G 69 22.55 -31.65 -0.64
N LEU G 70 21.46 -30.95 -0.90
CA LEU G 70 20.94 -30.81 -2.24
C LEU G 70 21.33 -29.44 -2.80
N THR G 71 22.03 -29.43 -3.94
CA THR G 71 22.55 -28.20 -4.52
C THR G 71 22.08 -28.06 -5.97
N VAL G 72 22.32 -26.88 -6.53
CA VAL G 72 22.01 -26.59 -7.92
C VAL G 72 23.29 -26.17 -8.64
N ASP G 73 23.29 -26.32 -9.96
CA ASP G 73 24.11 -25.53 -10.85
C ASP G 73 23.16 -24.98 -11.91
N THR G 74 22.73 -23.74 -11.74
CA THR G 74 21.73 -23.14 -12.59
C THR G 74 22.28 -22.72 -13.96
N SER G 75 23.60 -22.55 -14.08
CA SER G 75 24.21 -22.28 -15.37
C SER G 75 24.27 -23.52 -16.26
N SER G 76 24.39 -24.71 -15.68
CA SER G 76 24.38 -25.95 -16.44
C SER G 76 23.03 -26.66 -16.34
N THR G 77 22.03 -26.00 -15.74
CA THR G 77 20.68 -26.53 -15.48
C THR G 77 20.70 -27.95 -14.92
N THR G 78 21.42 -28.12 -13.80
CA THR G 78 21.64 -29.43 -13.21
C THR G 78 21.34 -29.38 -11.72
N ALA G 79 20.73 -30.44 -11.20
CA ALA G 79 20.55 -30.62 -9.77
C ALA G 79 21.52 -31.67 -9.26
N TYR G 80 21.97 -31.49 -8.01
CA TYR G 80 22.93 -32.39 -7.39
C TYR G 80 22.45 -32.80 -6.02
N MET G 81 22.74 -34.06 -5.67
CA MET G 81 22.40 -34.62 -4.36
C MET G 81 23.67 -35.19 -3.75
N GLU G 82 24.10 -34.61 -2.63
CA GLU G 82 25.26 -35.08 -1.89
C GLU G 82 24.77 -35.99 -0.77
N LEU G 83 25.17 -37.26 -0.82
CA LEU G 83 24.77 -38.24 0.18
C LEU G 83 25.97 -38.51 1.09
N ARG G 84 25.79 -38.25 2.38
CA ARG G 84 26.86 -38.34 3.36
C ARG G 84 26.56 -39.43 4.38
N SER G 85 27.62 -40.10 4.81
CA SER G 85 27.57 -41.20 5.80
C SER G 85 26.60 -42.29 5.35
N LEU G 86 26.90 -42.86 4.19
CA LEU G 86 26.00 -43.82 3.56
C LEU G 86 26.03 -45.16 4.31
N THR G 87 24.86 -45.75 4.48
CA THR G 87 24.70 -47.04 5.13
C THR G 87 23.93 -47.96 4.19
N SER G 88 23.73 -49.21 4.61
CA SER G 88 22.95 -50.21 3.85
C SER G 88 21.48 -49.81 3.69
N GLU G 89 20.97 -48.89 4.50
CA GLU G 89 19.59 -48.42 4.39
C GLU G 89 19.42 -47.36 3.31
N ASP G 90 20.49 -46.94 2.65
CA ASP G 90 20.41 -45.97 1.55
C ASP G 90 20.60 -46.61 0.18
N SER G 91 20.74 -47.93 0.10
CA SER G 91 20.79 -48.63 -1.17
C SER G 91 19.40 -48.59 -1.78
N ALA G 92 19.16 -47.69 -2.72
CA ALA G 92 17.81 -47.38 -3.17
C ALA G 92 17.88 -46.75 -4.56
N VAL G 93 16.76 -46.19 -5.00
CA VAL G 93 16.67 -45.45 -6.25
C VAL G 93 16.24 -44.03 -5.90
N TYR G 94 16.79 -43.05 -6.60
CA TYR G 94 16.50 -41.65 -6.31
C TYR G 94 16.00 -40.98 -7.58
N TYR G 95 14.99 -40.13 -7.43
CA TYR G 95 14.33 -39.47 -8.54
C TYR G 95 14.34 -37.96 -8.33
N CYS G 96 14.53 -37.24 -9.43
CA CYS G 96 14.36 -35.79 -9.44
C CYS G 96 13.08 -35.45 -10.19
N ALA G 97 12.31 -34.52 -9.62
CA ALA G 97 10.99 -34.22 -10.15
C ALA G 97 10.88 -32.73 -10.43
N ARG G 98 10.24 -32.40 -11.56
CA ARG G 98 10.21 -31.02 -12.01
C ARG G 98 9.23 -30.18 -11.20
N ARG G 99 8.06 -30.76 -10.85
CA ARG G 99 7.23 -30.32 -9.73
C ARG G 99 6.76 -28.86 -9.90
N GLU G 100 5.84 -28.69 -10.85
CA GLU G 100 5.18 -27.39 -10.98
C GLU G 100 4.25 -27.19 -9.79
N GLY G 101 4.42 -26.06 -9.10
CA GLY G 101 3.65 -25.76 -7.90
C GLY G 101 2.52 -24.78 -8.16
N ASN G 102 2.08 -24.12 -7.09
CA ASN G 102 1.18 -22.97 -7.14
C ASN G 102 -0.17 -23.32 -7.78
N PHE G 103 -0.99 -24.04 -7.01
CA PHE G 103 -2.21 -24.71 -7.50
C PHE G 103 -1.82 -25.72 -8.59
N VAL G 104 -1.16 -26.75 -8.08
CA VAL G 104 -0.12 -27.48 -8.79
C VAL G 104 -0.64 -28.22 -10.01
N GLY G 105 0.31 -28.59 -10.87
CA GLY G 105 0.15 -29.68 -11.80
C GLY G 105 1.18 -30.74 -11.45
N ALA G 106 1.47 -30.83 -10.15
CA ALA G 106 2.73 -31.28 -9.56
C ALA G 106 3.36 -32.51 -10.21
N MET G 107 4.68 -32.46 -10.32
CA MET G 107 5.53 -33.60 -10.70
C MET G 107 5.16 -34.11 -12.10
N ASP G 108 5.34 -33.23 -13.08
CA ASP G 108 4.93 -33.53 -14.45
C ASP G 108 5.70 -34.71 -15.01
N TYR G 109 7.01 -34.55 -15.20
CA TYR G 109 7.88 -35.63 -15.64
C TYR G 109 9.09 -35.73 -14.72
N TRP G 110 9.68 -36.93 -14.69
CA TRP G 110 10.64 -37.33 -13.68
C TRP G 110 11.95 -37.75 -14.33
N GLY G 111 12.99 -37.85 -13.50
CA GLY G 111 14.26 -38.39 -13.94
C GLY G 111 14.19 -39.89 -14.11
N GLN G 112 15.19 -40.48 -14.75
CA GLN G 112 15.15 -41.92 -15.03
C GLN G 112 15.50 -42.77 -13.83
N GLY G 113 16.10 -42.21 -12.80
CA GLY G 113 16.28 -42.92 -11.54
C GLY G 113 17.69 -43.42 -11.28
N THR G 114 18.38 -42.83 -10.30
CA THR G 114 19.74 -43.21 -9.97
C THR G 114 19.71 -44.31 -8.91
N SER G 115 20.29 -45.46 -9.23
CA SER G 115 20.31 -46.59 -8.31
C SER G 115 21.64 -46.58 -7.57
N VAL G 116 21.59 -46.27 -6.28
CA VAL G 116 22.78 -46.25 -5.44
C VAL G 116 22.78 -47.53 -4.61
N THR G 117 23.83 -48.34 -4.78
CA THR G 117 24.00 -49.61 -4.08
C THR G 117 25.17 -49.45 -3.12
N VAL G 118 24.87 -49.40 -1.83
CA VAL G 118 25.87 -49.21 -0.79
C VAL G 118 26.09 -50.55 -0.11
N SER G 119 27.30 -51.08 -0.26
CA SER G 119 27.68 -52.35 0.35
C SER G 119 29.20 -52.41 0.44
N SER G 120 29.68 -53.32 1.28
CA SER G 120 31.13 -53.49 1.46
C SER G 120 31.72 -54.32 0.33
N ASP H 1 3.16 -33.03 9.36
CA ASP H 1 3.21 -34.34 8.73
C ASP H 1 1.81 -34.87 8.48
N ILE H 2 1.33 -34.70 7.25
CA ILE H 2 -0.02 -35.11 6.87
C ILE H 2 0.09 -36.51 6.29
N VAL H 3 -0.09 -37.52 7.14
CA VAL H 3 0.01 -38.91 6.71
C VAL H 3 -1.25 -39.28 5.95
N LEU H 4 -1.07 -39.98 4.82
CA LEU H 4 -2.18 -40.41 3.98
C LEU H 4 -2.28 -41.93 4.00
N THR H 5 -3.50 -42.44 4.09
CA THR H 5 -3.75 -43.88 4.05
C THR H 5 -4.38 -44.21 2.71
N GLN H 6 -3.72 -45.06 1.93
CA GLN H 6 -4.20 -45.42 0.60
C GLN H 6 -4.69 -46.86 0.62
N SER H 7 -5.88 -47.09 0.09
CA SER H 7 -6.50 -48.40 0.07
C SER H 7 -7.00 -48.69 -1.35
N PRO H 8 -6.96 -49.96 -1.77
CA PRO H 8 -6.42 -51.15 -1.08
C PRO H 8 -4.93 -51.31 -1.30
N ALA H 9 -4.39 -52.51 -1.07
CA ALA H 9 -2.98 -52.79 -1.36
C ALA H 9 -2.80 -53.40 -2.73
N SER H 10 -3.44 -54.54 -2.99
CA SER H 10 -3.42 -55.19 -4.29
C SER H 10 -4.86 -55.21 -4.82
N LEU H 11 -5.06 -54.67 -6.01
CA LEU H 11 -6.39 -54.51 -6.59
C LEU H 11 -6.48 -55.41 -7.82
N ALA H 12 -7.47 -56.29 -7.83
CA ALA H 12 -7.75 -57.14 -8.97
C ALA H 12 -9.01 -56.63 -9.67
N VAL H 13 -8.85 -56.16 -10.91
CA VAL H 13 -9.96 -55.64 -11.71
C VAL H 13 -10.00 -56.40 -13.03
N SER H 14 -11.20 -56.82 -13.42
CA SER H 14 -11.40 -57.53 -14.67
C SER H 14 -11.15 -56.62 -15.85
N LEU H 15 -10.80 -57.22 -16.99
CA LEU H 15 -10.45 -56.46 -18.18
C LEU H 15 -11.70 -55.80 -18.75
N GLY H 16 -11.75 -54.47 -18.68
CA GLY H 16 -12.86 -53.71 -19.19
C GLY H 16 -13.89 -53.28 -18.17
N GLN H 17 -13.47 -52.95 -16.95
CA GLN H 17 -14.38 -52.62 -15.86
C GLN H 17 -13.88 -51.39 -15.12
N ARG H 18 -14.48 -51.13 -13.96
CA ARG H 18 -14.21 -49.94 -13.18
C ARG H 18 -13.37 -50.30 -11.96
N ALA H 19 -12.28 -49.55 -11.75
CA ALA H 19 -11.39 -49.77 -10.62
C ALA H 19 -11.26 -48.47 -9.84
N THR H 20 -11.53 -48.53 -8.54
CA THR H 20 -11.46 -47.36 -7.68
C THR H 20 -10.38 -47.54 -6.61
N ILE H 21 -9.73 -46.44 -6.27
CA ILE H 21 -8.67 -46.42 -5.27
C ILE H 21 -8.93 -45.25 -4.33
N SER H 22 -8.96 -45.50 -3.03
CA SER H 22 -9.26 -44.47 -2.04
C SER H 22 -7.98 -43.98 -1.37
N CYS H 23 -7.96 -42.68 -1.08
CA CYS H 23 -6.85 -42.05 -0.36
C CYS H 23 -7.46 -41.15 0.71
N ARG H 24 -7.27 -41.51 1.97
CA ARG H 24 -7.81 -40.75 3.10
C ARG H 24 -6.67 -40.00 3.77
N ALA H 25 -6.73 -38.67 3.70
CA ALA H 25 -5.78 -37.85 4.42
C ALA H 25 -6.15 -37.76 5.90
N SER H 26 -5.14 -37.61 6.74
CA SER H 26 -5.36 -37.44 8.17
C SER H 26 -5.66 -36.00 8.55
N GLU H 27 -5.22 -35.04 7.75
CA GLU H 27 -5.57 -33.63 7.93
C GLU H 27 -6.21 -33.13 6.65
N SER H 28 -6.78 -31.94 6.72
CA SER H 28 -7.39 -31.34 5.53
C SER H 28 -6.27 -30.83 4.63
N VAL H 29 -6.20 -31.37 3.39
CA VAL H 29 -5.19 -30.91 2.44
C VAL H 29 -5.73 -29.84 1.51
N ASP H 30 -6.99 -29.45 1.68
CA ASP H 30 -7.54 -28.34 0.91
C ASP H 30 -6.85 -27.04 1.30
N ASN H 31 -6.66 -26.17 0.30
CA ASN H 31 -6.03 -24.88 0.54
C ASN H 31 -6.77 -23.88 -0.35
N PHE H 32 -7.51 -22.97 0.29
CA PHE H 32 -8.35 -21.97 -0.38
C PHE H 32 -9.37 -22.62 -1.30
N GLY H 33 -9.94 -23.75 -0.86
CA GLY H 33 -11.05 -24.38 -1.53
C GLY H 33 -10.70 -25.58 -2.38
N ILE H 34 -9.52 -25.60 -2.99
CA ILE H 34 -9.14 -26.67 -3.91
C ILE H 34 -8.14 -27.59 -3.21
N SER H 35 -8.24 -28.89 -3.49
CA SER H 35 -7.40 -29.88 -2.84
C SER H 35 -6.04 -29.93 -3.53
N PHE H 36 -5.04 -30.46 -2.82
CA PHE H 36 -3.71 -30.72 -3.35
C PHE H 36 -3.45 -32.22 -3.22
N ILE H 37 -3.92 -32.98 -4.20
CA ILE H 37 -3.68 -34.41 -4.26
C ILE H 37 -3.34 -34.75 -5.71
N ASN H 38 -2.20 -35.39 -5.92
CA ASN H 38 -1.77 -35.79 -7.25
C ASN H 38 -1.61 -37.30 -7.31
N TRP H 39 -2.23 -37.92 -8.31
CA TRP H 39 -2.17 -39.36 -8.50
C TRP H 39 -1.16 -39.67 -9.59
N PHE H 40 -0.16 -40.49 -9.24
CA PHE H 40 0.93 -40.92 -10.11
C PHE H 40 0.82 -42.40 -10.41
N GLN H 41 1.40 -42.79 -11.55
CA GLN H 41 1.42 -44.16 -12.03
C GLN H 41 2.86 -44.54 -12.35
N GLN H 42 3.32 -45.67 -11.80
CA GLN H 42 4.71 -46.08 -11.99
C GLN H 42 4.73 -47.53 -12.47
N LYS H 43 5.07 -47.72 -13.73
CA LYS H 43 5.35 -49.06 -14.20
C LYS H 43 6.71 -49.52 -13.68
N PRO H 44 6.92 -50.83 -13.52
CA PRO H 44 8.22 -51.32 -13.06
C PRO H 44 9.34 -50.96 -14.01
N GLY H 45 10.47 -50.53 -13.45
CA GLY H 45 11.58 -50.05 -14.25
C GLY H 45 11.36 -48.72 -14.92
N GLN H 46 10.39 -47.94 -14.45
CA GLN H 46 10.04 -46.67 -15.05
C GLN H 46 9.80 -45.65 -13.95
N PRO H 47 10.06 -44.37 -14.21
CA PRO H 47 9.71 -43.33 -13.26
C PRO H 47 8.21 -43.17 -13.14
N PRO H 48 7.70 -42.76 -11.97
CA PRO H 48 6.29 -42.40 -11.87
C PRO H 48 5.94 -41.22 -12.78
N LYS H 49 4.75 -41.28 -13.36
CA LYS H 49 4.25 -40.27 -14.29
C LYS H 49 2.96 -39.68 -13.73
N LEU H 50 2.83 -38.36 -13.84
CA LEU H 50 1.61 -37.69 -13.41
C LEU H 50 0.39 -38.17 -14.20
N LEU H 51 -0.68 -38.49 -13.49
CA LEU H 51 -1.99 -38.68 -14.10
C LEU H 51 -2.97 -37.62 -13.64
N ILE H 52 -3.18 -37.47 -12.34
CA ILE H 52 -4.18 -36.56 -11.80
C ILE H 52 -3.48 -35.49 -10.97
N TYR H 53 -3.84 -34.23 -11.20
CA TYR H 53 -3.36 -33.14 -10.38
C TYR H 53 -4.53 -32.30 -9.92
N GLY H 54 -4.44 -31.76 -8.70
CA GLY H 54 -5.53 -31.01 -8.13
C GLY H 54 -6.72 -31.83 -7.70
N ALA H 55 -6.58 -33.16 -7.69
CA ALA H 55 -7.56 -34.17 -7.28
C ALA H 55 -8.75 -34.26 -8.24
N SER H 56 -8.81 -33.41 -9.26
CA SER H 56 -9.87 -33.46 -10.26
C SER H 56 -9.35 -33.41 -11.68
N ASN H 57 -8.30 -32.64 -11.94
CA ASN H 57 -7.89 -32.35 -13.30
C ASN H 57 -7.12 -33.52 -13.91
N GLN H 58 -6.82 -33.39 -15.21
CA GLN H 58 -6.12 -34.41 -15.97
C GLN H 58 -4.80 -33.86 -16.49
N GLY H 59 -3.77 -34.72 -16.43
CA GLY H 59 -2.46 -34.33 -16.87
C GLY H 59 -2.35 -34.24 -18.39
N SER H 60 -1.21 -33.70 -18.83
CA SER H 60 -0.96 -33.47 -20.25
C SER H 60 -0.68 -34.80 -20.93
N GLY H 61 -1.60 -35.23 -21.79
CA GLY H 61 -1.45 -36.47 -22.51
C GLY H 61 -1.94 -37.68 -21.72
N VAL H 62 -2.96 -37.47 -20.90
CA VAL H 62 -3.55 -38.53 -20.09
C VAL H 62 -4.95 -38.80 -20.64
N PRO H 63 -5.27 -40.05 -20.98
CA PRO H 63 -6.62 -40.35 -21.47
C PRO H 63 -7.68 -40.19 -20.37
N ALA H 64 -8.92 -39.99 -20.80
CA ALA H 64 -10.03 -39.65 -19.92
C ALA H 64 -10.48 -40.80 -19.03
N ARG H 65 -9.94 -42.00 -19.20
CA ARG H 65 -10.35 -43.12 -18.36
C ARG H 65 -9.91 -42.93 -16.91
N PHE H 66 -8.86 -42.16 -16.67
CA PHE H 66 -8.45 -41.80 -15.31
C PHE H 66 -9.23 -40.57 -14.89
N SER H 67 -9.80 -40.61 -13.68
CA SER H 67 -10.58 -39.50 -13.17
C SER H 67 -10.37 -39.36 -11.67
N GLY H 68 -10.17 -38.14 -11.20
CA GLY H 68 -10.06 -37.86 -9.79
C GLY H 68 -11.37 -37.34 -9.24
N SER H 69 -11.63 -37.64 -7.97
CA SER H 69 -12.85 -37.17 -7.32
C SER H 69 -12.59 -37.08 -5.82
N GLY H 70 -13.49 -36.39 -5.13
CA GLY H 70 -13.45 -36.27 -3.69
C GLY H 70 -12.93 -34.90 -3.25
N SER H 71 -12.93 -34.72 -1.93
CA SER H 71 -12.56 -33.46 -1.32
C SER H 71 -12.25 -33.72 0.16
N GLY H 72 -11.83 -32.66 0.85
CA GLY H 72 -11.57 -32.72 2.28
C GLY H 72 -10.47 -33.67 2.67
N THR H 73 -10.86 -34.78 3.29
CA THR H 73 -9.93 -35.83 3.71
C THR H 73 -10.25 -37.15 3.01
N ASP H 74 -10.94 -37.11 1.88
CA ASP H 74 -11.27 -38.34 1.17
C ASP H 74 -11.19 -38.10 -0.33
N PHE H 75 -10.37 -38.90 -1.01
CA PHE H 75 -10.18 -38.76 -2.45
C PHE H 75 -10.23 -40.12 -3.10
N SER H 76 -10.58 -40.12 -4.39
CA SER H 76 -10.76 -41.35 -5.13
C SER H 76 -10.18 -41.20 -6.53
N LEU H 77 -9.46 -42.22 -6.96
CA LEU H 77 -9.01 -42.35 -8.34
C LEU H 77 -9.81 -43.45 -9.02
N ASN H 78 -10.40 -43.13 -10.16
CA ASN H 78 -11.27 -44.04 -10.89
C ASN H 78 -10.67 -44.33 -12.26
N ILE H 79 -10.53 -45.60 -12.59
CA ILE H 79 -10.05 -46.04 -13.89
C ILE H 79 -11.15 -46.87 -14.54
N HIS H 80 -11.72 -46.35 -15.62
CA HIS H 80 -12.79 -47.02 -16.35
C HIS H 80 -12.88 -46.44 -17.76
N PRO H 81 -12.83 -47.27 -18.81
CA PRO H 81 -12.69 -48.74 -18.83
C PRO H 81 -11.27 -49.21 -18.54
N MET H 82 -11.07 -50.52 -18.39
CA MET H 82 -9.80 -51.10 -17.95
C MET H 82 -9.16 -51.83 -19.12
N GLU H 83 -7.85 -51.65 -19.29
CA GLU H 83 -7.12 -52.33 -20.34
C GLU H 83 -6.04 -53.23 -19.72
N GLU H 84 -5.28 -53.89 -20.60
CA GLU H 84 -4.15 -54.70 -20.19
C GLU H 84 -2.88 -53.89 -20.01
N VAL H 85 -2.86 -52.64 -20.47
CA VAL H 85 -1.64 -51.84 -20.42
C VAL H 85 -1.55 -51.07 -19.11
N ASP H 86 -2.65 -50.95 -18.37
CA ASP H 86 -2.66 -50.16 -17.14
C ASP H 86 -2.44 -51.04 -15.91
N THR H 87 -1.28 -51.70 -15.89
CA THR H 87 -0.85 -52.48 -14.73
C THR H 87 0.39 -51.81 -14.13
N ALA H 88 0.25 -51.31 -12.90
CA ALA H 88 1.28 -50.49 -12.25
C ALA H 88 0.89 -50.27 -10.79
N VAL H 89 1.71 -49.48 -10.11
CA VAL H 89 1.45 -48.98 -8.76
C VAL H 89 1.09 -47.51 -8.86
N TYR H 90 0.04 -47.12 -8.14
CA TYR H 90 -0.46 -45.75 -8.15
C TYR H 90 -0.24 -45.13 -6.78
N PHE H 91 0.09 -43.83 -6.76
CA PHE H 91 0.42 -43.12 -5.53
C PHE H 91 -0.39 -41.83 -5.44
N CYS H 92 -0.90 -41.53 -4.24
CA CYS H 92 -1.58 -40.26 -3.99
C CYS H 92 -0.65 -39.39 -3.15
N HIS H 93 -0.20 -38.29 -3.75
CA HIS H 93 0.80 -37.44 -3.14
C HIS H 93 0.16 -36.12 -2.71
N GLN H 94 0.37 -35.76 -1.45
CA GLN H 94 -0.14 -34.54 -0.85
C GLN H 94 0.87 -33.41 -1.04
N SER H 95 0.36 -32.19 -1.19
CA SER H 95 1.15 -31.07 -1.69
C SER H 95 0.86 -29.81 -0.87
N LYS H 96 0.09 -29.96 0.21
CA LYS H 96 -0.29 -28.82 1.04
C LYS H 96 0.91 -28.16 1.71
N GLU H 97 1.63 -28.90 2.55
CA GLU H 97 2.73 -28.31 3.30
C GLU H 97 3.81 -29.35 3.56
N VAL H 98 4.99 -28.84 3.90
CA VAL H 98 6.17 -29.65 4.20
C VAL H 98 5.93 -30.48 5.46
N PRO H 99 6.30 -31.76 5.50
CA PRO H 99 6.84 -32.59 4.42
C PRO H 99 5.75 -33.12 3.50
N TYR H 100 6.01 -33.20 2.20
CA TYR H 100 5.04 -33.80 1.30
C TYR H 100 5.08 -35.31 1.45
N THR H 101 3.90 -35.92 1.43
CA THR H 101 3.76 -37.33 1.76
C THR H 101 3.16 -38.08 0.58
N PHE H 102 3.74 -39.25 0.28
CA PHE H 102 3.23 -40.13 -0.75
C PHE H 102 2.45 -41.26 -0.09
N GLY H 103 1.37 -41.69 -0.74
CA GLY H 103 0.64 -42.83 -0.24
C GLY H 103 1.40 -44.13 -0.43
N GLY H 104 0.87 -45.18 0.18
CA GLY H 104 1.50 -46.49 0.05
C GLY H 104 1.47 -47.03 -1.35
N GLY H 105 0.49 -46.63 -2.15
CA GLY H 105 0.40 -47.05 -3.53
C GLY H 105 -0.33 -48.36 -3.71
N THR H 106 -1.17 -48.45 -4.72
CA THR H 106 -1.91 -49.67 -5.03
C THR H 106 -1.35 -50.30 -6.29
N LYS H 107 -1.09 -51.61 -6.23
CA LYS H 107 -0.61 -52.38 -7.38
C LYS H 107 -1.83 -53.07 -8.00
N LEU H 108 -2.20 -52.63 -9.21
CA LEU H 108 -3.34 -53.20 -9.90
C LEU H 108 -2.88 -54.15 -10.98
N GLU H 109 -3.01 -55.45 -10.71
CA GLU H 109 -2.78 -56.51 -11.69
C GLU H 109 -4.15 -57.02 -12.14
N ILE H 110 -4.28 -57.29 -13.44
CA ILE H 110 -5.59 -57.57 -14.02
C ILE H 110 -6.08 -58.95 -13.58
N LYS H 111 -7.29 -58.98 -13.05
CA LYS H 111 -7.94 -60.23 -12.65
C LYS H 111 -8.29 -61.07 -13.87
#